data_5MRI
#
_entry.id   5MRI
#
_cell.length_a   158.296
_cell.length_b   81.058
_cell.length_c   105.690
_cell.angle_alpha   90.00
_cell.angle_beta   131.10
_cell.angle_gamma   90.00
#
_symmetry.space_group_name_H-M   'C 1 2 1'
#
loop_
_entity.id
_entity.type
_entity.pdbx_description
1 polymer Sortilin
2 branched beta-D-mannopyranose-(1-4)-2-acetamido-2-deoxy-beta-D-glucopyranose-(1-4)-2-acetamido-2-deoxy-beta-D-glucopyranose
3 branched 2-acetamido-2-deoxy-beta-D-glucopyranose-(1-4)-2-acetamido-2-deoxy-beta-D-glucopyranose
4 non-polymer 2-acetamido-2-deoxy-beta-D-glucopyranose
5 non-polymer ~{N}-methyl-3-(3-methylbutyl)-5-oxidanyl-1,2,3-triazole-4-carboxamide
6 water water
#
_entity_poly.entity_id   1
_entity_poly.type   'polypeptide(L)'
_entity_poly.pdbx_seq_one_letter_code
;SAPGEDEECGRVRDFVAKLANNTHQHVFDDLRGSVSLSWVGDSTGVILVLTTFHVPLVIMTFGQSKLYRSEDYGKNFKDI
TDLINNTFIRTEFGMAIGPENSGKVVLTAEVSGGSRGGRIFRSSDFAKNFVQTDLPFHPLTQMMYSPQNSDYLLALSTEN
GLWVSKNFGGKWEEIHKAVCLAKWGSDNTIFFTTYANGSCKADLGALELWRTSDLGKSFKTIGVKIYSFGLGGRFLFASV
MADKDTTRRIHVSTDQGDTWSMAQLPSVGQEQFYSILAANDDMVFMHVDEPGDTGFGTIFTSDDRGIVYSKSLDRHLYTT
TGGETDFTNVTSLRGVYITSVLSEDNSIQTMITFDQGGRWTHLRKPENSECDATAKNKNECSLHIHASYSISQKLNVPMA
PLSEPNAVGIVIAHGSVGDAISVMVPDVYISDDGGYSWTKMLEGPHYYTILDSGGIIVAIEHSSRPINVIKFSTDEGQCW
QTYTFTRDPIYFTGLASEPGARSMNISIWGFTESFLTSQWVSYTIDFKDILERNCEEKDYTIWLAHSTDPEDYEDGCILG
YKEQFLRLRKSSMCQNGRDYVVTKQPSICLCSLEDFLCDFGYYRPENDSKCVEQPELKGHDLEFCLYGREEHLTTNGYRK
IPGDKCQGGVNPVREVKDLKKKCTSNFLSPEKQNSKSNSGSAMIEGRGVGHHHHHH
;
_entity_poly.pdbx_strand_id   A
#
# COMPACT_ATOMS: atom_id res chain seq x y z
N GLY A 10 -27.26 -15.90 8.29
CA GLY A 10 -27.53 -15.74 6.87
C GLY A 10 -28.99 -16.03 6.53
N ARG A 11 -29.71 -14.98 6.12
CA ARG A 11 -31.13 -15.11 5.82
C ARG A 11 -31.43 -15.26 4.34
N VAL A 12 -30.45 -15.66 3.54
CA VAL A 12 -30.67 -15.80 2.09
C VAL A 12 -31.45 -17.08 1.85
N ARG A 13 -32.49 -16.99 1.04
CA ARG A 13 -33.36 -18.11 0.70
C ARG A 13 -32.92 -18.77 -0.60
N ASP A 14 -32.89 -20.11 -0.59
CA ASP A 14 -32.58 -20.90 -1.78
C ASP A 14 -31.18 -20.59 -2.32
N PHE A 15 -30.24 -20.35 -1.41
CA PHE A 15 -28.94 -19.84 -1.84
C PHE A 15 -28.15 -20.89 -2.62
N VAL A 16 -28.35 -22.17 -2.32
CA VAL A 16 -27.64 -23.23 -3.05
C VAL A 16 -28.06 -23.22 -4.51
N ALA A 17 -29.36 -23.07 -4.78
CA ALA A 17 -29.83 -23.06 -6.16
C ALA A 17 -29.36 -21.84 -6.93
N LYS A 18 -29.18 -20.71 -6.26
CA LYS A 18 -28.74 -19.49 -6.93
C LYS A 18 -27.23 -19.46 -7.16
N LEU A 19 -26.47 -20.36 -6.54
CA LEU A 19 -25.03 -20.43 -6.74
C LEU A 19 -24.56 -21.65 -7.51
N ALA A 20 -25.36 -22.74 -7.52
CA ALA A 20 -24.93 -23.97 -8.19
C ALA A 20 -24.70 -23.76 -9.68
N ASN A 21 -25.56 -22.98 -10.34
CA ASN A 21 -25.42 -22.72 -11.77
C ASN A 21 -24.51 -21.54 -12.07
N ASN A 22 -23.99 -20.87 -11.04
CA ASN A 22 -23.06 -19.76 -11.22
C ASN A 22 -21.64 -20.12 -10.80
N THR A 23 -21.34 -21.41 -10.64
CA THR A 23 -20.05 -21.90 -10.20
C THR A 23 -19.35 -22.54 -11.40
N HIS A 24 -18.21 -21.97 -11.80
CA HIS A 24 -17.53 -22.34 -13.04
C HIS A 24 -16.16 -22.92 -12.70
N GLN A 25 -16.00 -24.22 -12.93
CA GLN A 25 -14.73 -24.90 -12.68
C GLN A 25 -13.88 -24.89 -13.95
N HIS A 26 -12.60 -24.56 -13.80
CA HIS A 26 -11.62 -24.71 -14.87
C HIS A 26 -10.42 -25.45 -14.33
N VAL A 27 -10.17 -26.65 -14.85
CA VAL A 27 -9.01 -27.46 -14.48
C VAL A 27 -7.91 -27.20 -15.51
N PHE A 28 -6.75 -26.73 -15.04
CA PHE A 28 -5.58 -26.56 -15.89
C PHE A 28 -4.88 -27.91 -16.00
N ASP A 29 -4.93 -28.52 -17.19
CA ASP A 29 -4.29 -29.83 -17.34
C ASP A 29 -2.78 -29.77 -17.17
N ASP A 30 -2.11 -28.78 -17.74
CA ASP A 30 -0.66 -28.71 -17.54
C ASP A 30 -0.34 -27.80 -16.37
N LEU A 31 0.14 -26.59 -16.67
CA LEU A 31 0.42 -25.53 -15.69
C LEU A 31 1.29 -26.08 -14.54
N ARG A 32 2.49 -26.53 -14.91
CA ARG A 32 3.42 -27.15 -13.97
C ARG A 32 4.48 -26.16 -13.50
N GLY A 33 4.40 -25.78 -12.23
CA GLY A 33 5.38 -24.91 -11.60
C GLY A 33 4.85 -23.54 -11.21
N SER A 34 5.78 -22.61 -11.06
CA SER A 34 5.55 -21.19 -10.84
C SER A 34 4.41 -20.64 -11.70
N VAL A 35 3.38 -20.10 -11.04
CA VAL A 35 2.20 -19.59 -11.72
C VAL A 35 2.06 -18.10 -11.37
N SER A 36 2.07 -17.26 -12.40
CA SER A 36 1.86 -15.83 -12.26
C SER A 36 0.48 -15.49 -12.80
N LEU A 37 -0.27 -14.67 -12.05
CA LEU A 37 -1.61 -14.25 -12.43
C LEU A 37 -1.67 -12.73 -12.44
N SER A 38 -2.17 -12.17 -13.54
CA SER A 38 -2.30 -10.72 -13.69
C SER A 38 -3.67 -10.37 -14.25
N TRP A 39 -4.31 -9.37 -13.64
CA TRP A 39 -5.49 -8.75 -14.20
C TRP A 39 -5.09 -7.70 -15.23
N VAL A 40 -5.83 -7.63 -16.33
CA VAL A 40 -5.54 -6.68 -17.42
C VAL A 40 -6.74 -5.76 -17.53
N GLY A 41 -6.70 -4.63 -16.83
CA GLY A 41 -7.70 -3.59 -16.97
C GLY A 41 -8.83 -3.74 -15.95
N ASP A 42 -9.69 -2.73 -15.95
CA ASP A 42 -10.88 -2.70 -15.11
C ASP A 42 -12.12 -2.85 -15.98
N SER A 43 -13.12 -3.55 -15.46
CA SER A 43 -14.38 -3.82 -16.16
C SER A 43 -14.18 -4.65 -17.42
N THR A 44 -13.03 -5.32 -17.54
CA THR A 44 -12.75 -6.20 -18.67
C THR A 44 -12.91 -7.68 -18.34
N GLY A 45 -12.61 -8.06 -17.10
CA GLY A 45 -12.60 -9.47 -16.74
C GLY A 45 -11.46 -10.25 -17.34
N VAL A 46 -10.44 -9.58 -17.84
CA VAL A 46 -9.32 -10.24 -18.50
C VAL A 46 -8.31 -10.66 -17.44
N ILE A 47 -7.95 -11.94 -17.44
CA ILE A 47 -6.96 -12.50 -16.53
C ILE A 47 -5.94 -13.26 -17.37
N LEU A 48 -4.66 -13.06 -17.08
CA LEU A 48 -3.58 -13.83 -17.67
C LEU A 48 -2.97 -14.72 -16.61
N VAL A 49 -2.76 -15.99 -16.94
CA VAL A 49 -2.10 -16.95 -16.08
C VAL A 49 -0.88 -17.48 -16.81
N LEU A 50 0.29 -17.35 -16.19
CA LEU A 50 1.56 -17.67 -16.83
C LEU A 50 2.32 -18.71 -16.02
N THR A 51 2.92 -19.67 -16.72
CA THR A 51 3.77 -20.66 -16.09
C THR A 51 4.97 -20.91 -16.98
N THR A 52 6.08 -21.31 -16.36
CA THR A 52 7.32 -21.57 -17.09
C THR A 52 7.94 -22.85 -16.56
N PHE A 53 8.67 -23.55 -17.43
CA PHE A 53 9.23 -24.83 -17.06
C PHE A 53 10.37 -25.19 -18.00
N HIS A 54 11.17 -26.15 -17.57
CA HIS A 54 12.30 -26.65 -18.33
C HIS A 54 11.85 -27.66 -19.38
N VAL A 55 12.53 -27.65 -20.53
CA VAL A 55 12.34 -28.67 -21.56
C VAL A 55 13.72 -29.14 -22.01
N PRO A 56 13.82 -30.36 -22.53
CA PRO A 56 15.15 -30.86 -22.94
C PRO A 56 15.44 -30.53 -24.39
N LEU A 57 14.88 -29.42 -24.87
CA LEU A 57 14.97 -29.04 -26.27
C LEU A 57 15.98 -27.91 -26.42
N VAL A 58 17.10 -28.21 -27.10
CA VAL A 58 18.10 -27.19 -27.39
C VAL A 58 17.47 -26.02 -28.15
N ILE A 59 16.55 -26.33 -29.07
CA ILE A 59 15.95 -25.30 -29.92
C ILE A 59 15.13 -24.31 -29.10
N MET A 60 14.69 -24.67 -27.90
CA MET A 60 13.95 -23.76 -27.04
C MET A 60 14.83 -23.14 -25.96
N THR A 61 16.15 -23.30 -26.06
CA THR A 61 17.09 -22.90 -25.00
C THR A 61 16.64 -23.52 -23.67
N PHE A 62 16.12 -24.74 -23.76
CA PHE A 62 15.80 -25.59 -22.60
C PHE A 62 14.70 -24.98 -21.72
N GLY A 63 13.84 -24.15 -22.29
CA GLY A 63 12.74 -23.58 -21.54
C GLY A 63 11.56 -23.29 -22.43
N GLN A 64 10.37 -23.43 -21.86
CA GLN A 64 9.13 -23.04 -22.52
C GLN A 64 8.16 -22.47 -21.50
N SER A 65 7.15 -21.77 -21.99
CA SER A 65 6.09 -21.22 -21.15
C SER A 65 4.74 -21.76 -21.60
N LYS A 66 3.76 -21.58 -20.72
CA LYS A 66 2.36 -21.76 -21.05
C LYS A 66 1.60 -20.53 -20.57
N LEU A 67 0.69 -20.03 -21.40
CA LEU A 67 0.00 -18.78 -21.12
C LEU A 67 -1.48 -18.95 -21.40
N TYR A 68 -2.30 -18.71 -20.39
CA TYR A 68 -3.75 -18.84 -20.50
C TYR A 68 -4.40 -17.47 -20.33
N ARG A 69 -5.56 -17.31 -20.95
CA ARG A 69 -6.27 -16.03 -20.95
C ARG A 69 -7.75 -16.26 -20.68
N SER A 70 -8.29 -15.52 -19.71
CA SER A 70 -9.72 -15.43 -19.48
C SER A 70 -10.20 -14.03 -19.84
N GLU A 71 -11.45 -13.93 -20.29
CA GLU A 71 -12.10 -12.64 -20.46
C GLU A 71 -13.48 -12.62 -19.82
N ASP A 72 -13.75 -13.56 -18.92
CA ASP A 72 -15.01 -13.61 -18.17
C ASP A 72 -14.72 -13.75 -16.68
N TYR A 73 -13.71 -13.02 -16.20
CA TYR A 73 -13.34 -12.96 -14.79
C TYR A 73 -12.92 -14.32 -14.25
N GLY A 74 -12.32 -15.15 -15.11
CA GLY A 74 -11.76 -16.42 -14.68
C GLY A 74 -12.68 -17.61 -14.75
N LYS A 75 -13.92 -17.43 -15.23
CA LYS A 75 -14.83 -18.56 -15.36
C LYS A 75 -14.30 -19.57 -16.37
N ASN A 76 -13.72 -19.08 -17.47
CA ASN A 76 -13.18 -19.93 -18.53
C ASN A 76 -11.86 -19.34 -19.00
N PHE A 77 -10.91 -20.24 -19.27
CA PHE A 77 -9.59 -19.85 -19.76
C PHE A 77 -9.32 -20.50 -21.11
N LYS A 78 -8.59 -19.79 -21.95
CA LYS A 78 -8.18 -20.29 -23.26
C LYS A 78 -6.67 -20.33 -23.36
N ASP A 79 -6.13 -21.42 -23.90
CA ASP A 79 -4.69 -21.58 -24.08
C ASP A 79 -4.24 -20.70 -25.24
N ILE A 80 -3.44 -19.68 -24.94
CA ILE A 80 -2.94 -18.78 -25.98
C ILE A 80 -1.42 -18.83 -26.03
N THR A 81 -0.85 -19.98 -25.66
CA THR A 81 0.60 -20.13 -25.67
C THR A 81 1.18 -19.90 -27.06
N ASP A 82 0.44 -20.29 -28.11
CA ASP A 82 0.95 -20.12 -29.47
C ASP A 82 1.18 -18.66 -29.83
N LEU A 83 0.55 -17.73 -29.14
CA LEU A 83 0.75 -16.31 -29.43
C LEU A 83 2.14 -15.82 -29.04
N ILE A 84 2.83 -16.53 -28.15
CA ILE A 84 4.22 -16.22 -27.82
C ILE A 84 5.16 -17.33 -28.26
N ASN A 85 4.69 -18.25 -29.11
CA ASN A 85 5.52 -19.30 -29.70
C ASN A 85 6.20 -20.15 -28.62
N ASN A 86 5.48 -20.41 -27.53
CA ASN A 86 5.95 -21.24 -26.43
C ASN A 86 7.24 -20.71 -25.80
N THR A 87 7.60 -19.47 -26.09
CA THR A 87 8.89 -18.94 -25.64
C THR A 87 8.93 -18.86 -24.11
N PHE A 88 10.08 -19.24 -23.55
CA PHE A 88 10.24 -19.16 -22.10
C PHE A 88 10.19 -17.69 -21.70
N ILE A 89 9.40 -17.39 -20.68
CA ILE A 89 9.23 -16.03 -20.20
C ILE A 89 9.88 -15.93 -18.83
N ARG A 90 10.63 -14.86 -18.61
CA ARG A 90 11.28 -14.67 -17.34
C ARG A 90 10.26 -14.10 -16.37
N THR A 91 9.94 -14.87 -15.33
CA THR A 91 8.91 -14.47 -14.38
C THR A 91 9.43 -13.48 -13.34
N GLU A 92 10.75 -13.33 -13.19
CA GLU A 92 11.24 -12.33 -12.24
C GLU A 92 10.80 -10.95 -12.70
N PHE A 93 10.84 -10.71 -14.02
CA PHE A 93 10.34 -9.45 -14.56
C PHE A 93 8.84 -9.33 -14.30
N GLY A 94 8.12 -10.45 -14.40
CA GLY A 94 6.68 -10.42 -14.20
C GLY A 94 6.00 -9.98 -15.47
N MET A 95 4.67 -9.93 -15.44
CA MET A 95 3.92 -9.38 -16.55
C MET A 95 3.79 -7.89 -16.30
N ALA A 96 4.24 -7.09 -17.26
CA ALA A 96 4.23 -5.63 -17.15
C ALA A 96 2.88 -5.16 -17.65
N ILE A 97 1.98 -4.85 -16.72
CA ILE A 97 0.60 -4.50 -17.03
C ILE A 97 0.47 -2.99 -17.06
N GLY A 98 -0.12 -2.52 -18.15
CA GLY A 98 -0.39 -1.14 -18.45
C GLY A 98 -1.35 -0.46 -17.49
N PRO A 99 -1.32 0.86 -17.49
CA PRO A 99 -2.16 1.65 -16.58
C PRO A 99 -3.61 1.46 -16.96
N GLU A 100 -4.47 1.74 -15.97
CA GLU A 100 -5.92 1.64 -15.95
C GLU A 100 -6.52 0.84 -17.10
N ASN A 101 -7.06 1.42 -18.16
CA ASN A 101 -7.59 0.57 -19.23
C ASN A 101 -6.78 0.68 -20.51
N SER A 102 -5.46 0.80 -20.41
CA SER A 102 -4.65 0.80 -21.62
C SER A 102 -4.67 -0.55 -22.35
N GLY A 103 -4.86 -1.64 -21.61
CA GLY A 103 -4.83 -2.95 -22.22
C GLY A 103 -3.45 -3.39 -22.64
N LYS A 104 -2.41 -2.68 -22.18
CA LYS A 104 -1.04 -2.97 -22.53
C LYS A 104 -0.49 -4.12 -21.69
N VAL A 105 0.18 -5.07 -22.34
CA VAL A 105 0.81 -6.20 -21.66
C VAL A 105 2.19 -6.44 -22.29
N VAL A 106 3.22 -6.51 -21.46
CA VAL A 106 4.59 -6.77 -21.91
C VAL A 106 5.13 -7.96 -21.14
N LEU A 107 5.50 -9.02 -21.87
CA LEU A 107 6.22 -10.15 -21.31
C LEU A 107 7.68 -10.10 -21.76
N THR A 108 8.58 -10.38 -20.83
CA THR A 108 10.03 -10.36 -21.09
C THR A 108 10.52 -11.79 -21.32
N ALA A 109 10.93 -12.09 -22.54
CA ALA A 109 11.43 -13.43 -22.85
C ALA A 109 12.90 -13.56 -22.45
N GLU A 110 13.31 -14.80 -22.23
CA GLU A 110 14.73 -15.15 -22.17
C GLU A 110 15.23 -15.41 -23.59
N VAL A 111 16.39 -14.84 -23.91
CA VAL A 111 17.05 -15.04 -25.20
C VAL A 111 18.27 -15.93 -24.99
N SER A 112 18.76 -16.48 -26.11
CA SER A 112 19.92 -17.36 -26.04
C SER A 112 21.21 -16.56 -25.91
N GLY A 113 22.30 -17.27 -25.64
CA GLY A 113 23.59 -16.62 -25.58
C GLY A 113 23.97 -15.96 -26.90
N GLY A 114 24.69 -14.85 -26.80
CA GLY A 114 25.17 -14.15 -27.97
C GLY A 114 24.18 -13.22 -28.62
N SER A 115 23.03 -12.99 -28.02
CA SER A 115 22.05 -12.09 -28.60
C SER A 115 22.49 -10.64 -28.43
N ARG A 116 22.24 -9.84 -29.47
CA ARG A 116 22.45 -8.39 -29.39
C ARG A 116 21.79 -7.83 -28.13
N GLY A 117 20.48 -7.98 -28.03
CA GLY A 117 19.72 -7.50 -26.89
C GLY A 117 18.65 -8.49 -26.51
N GLY A 118 17.75 -8.09 -25.61
CA GLY A 118 16.69 -8.96 -25.18
C GLY A 118 15.54 -9.06 -26.17
N ARG A 119 14.44 -9.61 -25.69
CA ARG A 119 13.24 -9.78 -26.50
C ARG A 119 12.02 -9.67 -25.61
N ILE A 120 11.00 -8.96 -26.09
CA ILE A 120 9.75 -8.83 -25.38
C ILE A 120 8.60 -9.22 -26.29
N PHE A 121 7.54 -9.74 -25.69
CA PHE A 121 6.26 -9.97 -26.35
C PHE A 121 5.29 -8.94 -25.79
N ARG A 122 4.73 -8.11 -26.66
CA ARG A 122 3.93 -6.98 -26.21
C ARG A 122 2.56 -7.00 -26.88
N SER A 123 1.54 -6.71 -26.08
CA SER A 123 0.16 -6.63 -26.54
C SER A 123 -0.43 -5.29 -26.13
N SER A 124 -1.16 -4.68 -27.06
CA SER A 124 -1.87 -3.43 -26.78
C SER A 124 -3.37 -3.60 -26.85
N ASP A 125 -3.87 -4.84 -26.91
CA ASP A 125 -5.30 -5.11 -27.01
C ASP A 125 -5.74 -6.18 -26.02
N PHE A 126 -5.33 -6.00 -24.75
CA PHE A 126 -5.71 -6.91 -23.67
C PHE A 126 -5.31 -8.36 -23.96
N ALA A 127 -4.15 -8.54 -24.56
CA ALA A 127 -3.57 -9.85 -24.84
C ALA A 127 -4.41 -10.68 -25.82
N LYS A 128 -5.12 -10.02 -26.73
CA LYS A 128 -5.74 -10.75 -27.84
C LYS A 128 -4.73 -11.03 -28.94
N ASN A 129 -3.77 -10.12 -29.14
CA ASN A 129 -2.72 -10.29 -30.12
C ASN A 129 -1.40 -9.86 -29.50
N PHE A 130 -0.33 -10.60 -29.81
CA PHE A 130 1.01 -10.26 -29.36
C PHE A 130 1.91 -10.08 -30.57
N VAL A 131 2.87 -9.17 -30.44
CA VAL A 131 3.94 -9.02 -31.42
C VAL A 131 5.27 -9.18 -30.69
N GLN A 132 6.26 -9.68 -31.43
CA GLN A 132 7.59 -9.92 -30.90
C GLN A 132 8.52 -8.77 -31.27
N THR A 133 9.28 -8.30 -30.30
CA THR A 133 10.18 -7.17 -30.50
C THR A 133 11.55 -7.49 -29.92
N ASP A 134 12.59 -7.38 -30.74
CA ASP A 134 13.96 -7.55 -30.28
C ASP A 134 14.51 -6.20 -29.83
N LEU A 135 15.15 -6.17 -28.68
CA LEU A 135 15.59 -4.94 -28.06
C LEU A 135 17.05 -4.66 -28.39
N PRO A 136 17.45 -3.39 -28.44
CA PRO A 136 18.87 -3.05 -28.61
C PRO A 136 19.68 -3.21 -27.34
N PHE A 137 19.07 -3.71 -26.27
CA PHE A 137 19.73 -3.88 -24.98
C PHE A 137 19.11 -5.07 -24.27
N HIS A 138 19.75 -5.46 -23.16
CA HIS A 138 19.22 -6.54 -22.32
C HIS A 138 18.60 -5.89 -21.10
N PRO A 139 17.32 -6.12 -20.81
CA PRO A 139 16.70 -5.45 -19.66
C PRO A 139 17.21 -5.99 -18.33
N LEU A 140 17.50 -5.06 -17.42
CA LEU A 140 17.92 -5.37 -16.06
C LEU A 140 16.78 -5.30 -15.07
N THR A 141 15.84 -4.39 -15.30
CA THR A 141 14.67 -4.19 -14.45
C THR A 141 13.42 -4.43 -15.28
N GLN A 142 12.29 -4.48 -14.59
CA GLN A 142 11.02 -4.58 -15.29
C GLN A 142 10.78 -3.27 -16.05
N MET A 143 9.95 -3.34 -17.09
CA MET A 143 9.65 -2.13 -17.84
C MET A 143 8.53 -1.38 -17.13
N MET A 144 8.72 -0.08 -16.96
CA MET A 144 7.78 0.77 -16.23
C MET A 144 7.03 1.68 -17.18
N TYR A 145 5.71 1.69 -17.04
CA TYR A 145 4.86 2.57 -17.85
C TYR A 145 4.85 3.96 -17.23
N SER A 146 4.95 4.98 -18.07
CA SER A 146 4.66 6.31 -17.60
C SER A 146 3.20 6.37 -17.17
N PRO A 147 2.90 6.76 -15.93
CA PRO A 147 1.49 6.73 -15.48
C PRO A 147 0.58 7.61 -16.32
N GLN A 148 1.08 8.76 -16.77
CA GLN A 148 0.30 9.63 -17.65
C GLN A 148 0.08 9.01 -19.04
N ASN A 149 1.09 8.35 -19.60
CA ASN A 149 0.98 7.81 -20.95
C ASN A 149 1.50 6.37 -21.02
N SER A 150 0.60 5.43 -21.32
CA SER A 150 0.95 4.02 -21.38
C SER A 150 1.81 3.66 -22.58
N ASP A 151 2.02 4.58 -23.51
CA ASP A 151 2.93 4.34 -24.62
C ASP A 151 4.38 4.62 -24.26
N TYR A 152 4.62 5.35 -23.18
CA TYR A 152 5.97 5.71 -22.75
C TYR A 152 6.48 4.66 -21.76
N LEU A 153 7.62 4.05 -22.06
CA LEU A 153 8.23 3.04 -21.22
C LEU A 153 9.69 3.40 -20.98
N LEU A 154 10.19 3.00 -19.80
CA LEU A 154 11.59 3.17 -19.47
C LEU A 154 12.08 1.86 -18.87
N ALA A 155 13.37 1.59 -19.05
CA ALA A 155 13.98 0.41 -18.48
C ALA A 155 15.48 0.62 -18.35
N LEU A 156 16.06 0.02 -17.33
CA LEU A 156 17.50 -0.04 -17.20
C LEU A 156 18.02 -1.28 -17.91
N SER A 157 19.18 -1.16 -18.54
CA SER A 157 19.84 -2.26 -19.21
C SER A 157 20.86 -2.90 -18.28
N THR A 158 21.34 -4.07 -18.68
CA THR A 158 22.36 -4.77 -17.90
C THR A 158 23.67 -3.99 -17.84
N GLU A 159 23.82 -2.98 -18.70
CA GLU A 159 24.97 -2.09 -18.72
C GLU A 159 24.67 -0.80 -17.97
N ASN A 160 23.55 -0.76 -17.24
CA ASN A 160 23.10 0.42 -16.49
C ASN A 160 22.85 1.61 -17.41
N GLY A 161 22.36 1.33 -18.61
CA GLY A 161 21.89 2.38 -19.50
C GLY A 161 20.39 2.58 -19.32
N LEU A 162 19.98 3.84 -19.33
CA LEU A 162 18.56 4.19 -19.24
C LEU A 162 17.98 4.30 -20.64
N TRP A 163 17.04 3.42 -20.96
CA TRP A 163 16.40 3.37 -22.27
C TRP A 163 14.94 3.77 -22.16
N VAL A 164 14.46 4.53 -23.14
CA VAL A 164 13.09 5.02 -23.17
C VAL A 164 12.48 4.67 -24.52
N SER A 165 11.20 4.29 -24.49
CA SER A 165 10.43 4.05 -25.71
C SER A 165 9.17 4.92 -25.69
N LYS A 166 8.89 5.55 -26.83
CA LYS A 166 7.70 6.38 -26.99
C LYS A 166 6.57 5.67 -27.72
N ASN A 167 6.79 4.46 -28.22
CA ASN A 167 5.79 3.75 -29.03
C ASN A 167 5.53 2.36 -28.47
N PHE A 168 5.35 2.28 -27.14
CA PHE A 168 5.01 1.03 -26.46
C PHE A 168 6.05 -0.05 -26.72
N GLY A 169 7.33 0.33 -26.71
CA GLY A 169 8.41 -0.63 -26.79
C GLY A 169 8.78 -1.07 -28.18
N GLY A 170 8.16 -0.53 -29.22
CA GLY A 170 8.56 -0.87 -30.57
C GLY A 170 9.99 -0.44 -30.88
N LYS A 171 10.37 0.74 -30.40
CA LYS A 171 11.68 1.32 -30.67
C LYS A 171 12.16 2.03 -29.42
N TRP A 172 13.44 1.86 -29.10
CA TRP A 172 14.01 2.37 -27.86
C TRP A 172 15.23 3.22 -28.17
N GLU A 173 15.44 4.22 -27.32
CA GLU A 173 16.59 5.11 -27.39
C GLU A 173 17.24 5.16 -26.03
N GLU A 174 18.57 5.22 -26.00
CA GLU A 174 19.31 5.29 -24.75
C GLU A 174 19.52 6.78 -24.44
N ILE A 175 18.84 7.27 -23.41
CA ILE A 175 18.89 8.70 -23.11
C ILE A 175 20.03 9.05 -22.16
N HIS A 176 20.54 8.10 -21.39
CA HIS A 176 21.67 8.38 -20.51
C HIS A 176 22.35 7.07 -20.15
N LYS A 177 23.64 7.16 -19.87
CA LYS A 177 24.44 6.03 -19.46
C LYS A 177 24.80 6.16 -17.99
N ALA A 178 25.16 5.03 -17.39
CA ALA A 178 25.62 4.96 -15.99
C ALA A 178 24.53 5.44 -15.02
N VAL A 179 23.40 4.74 -15.06
CA VAL A 179 22.22 5.09 -14.26
C VAL A 179 22.01 4.02 -13.21
N CYS A 180 21.85 4.46 -11.95
CA CYS A 180 21.60 3.55 -10.82
C CYS A 180 20.13 3.24 -10.62
N LEU A 181 19.27 4.26 -10.70
CA LEU A 181 17.87 4.12 -10.34
C LEU A 181 17.06 5.15 -11.12
N ALA A 182 15.94 4.70 -11.70
CA ALA A 182 15.11 5.57 -12.54
C ALA A 182 13.65 5.38 -12.18
N LYS A 183 12.91 6.48 -12.17
CA LYS A 183 11.50 6.45 -11.79
C LYS A 183 10.72 7.50 -12.58
N TRP A 184 9.52 7.13 -13.00
CA TRP A 184 8.60 8.10 -13.57
C TRP A 184 8.05 9.03 -12.49
N GLY A 185 8.11 10.32 -12.75
CA GLY A 185 7.35 11.29 -11.99
C GLY A 185 6.01 11.56 -12.64
N SER A 186 5.44 12.70 -12.30
CA SER A 186 4.19 13.10 -12.95
C SER A 186 4.48 13.80 -14.26
N ASP A 187 3.45 13.86 -15.11
CA ASP A 187 3.52 14.54 -16.41
C ASP A 187 4.67 14.03 -17.27
N ASN A 188 4.86 12.70 -17.28
CA ASN A 188 5.91 12.05 -18.09
C ASN A 188 7.31 12.55 -17.75
N THR A 189 7.56 12.87 -16.49
CA THR A 189 8.88 13.29 -16.05
C THR A 189 9.64 12.08 -15.52
N ILE A 190 10.95 12.03 -15.79
CA ILE A 190 11.80 10.94 -15.36
C ILE A 190 12.89 11.49 -14.43
N PHE A 191 12.99 10.91 -13.24
CA PHE A 191 14.07 11.19 -12.31
C PHE A 191 15.02 10.00 -12.25
N PHE A 192 16.32 10.27 -12.21
CA PHE A 192 17.26 9.17 -12.14
C PHE A 192 18.59 9.64 -11.54
N THR A 193 19.28 8.71 -10.89
CA THR A 193 20.61 8.93 -10.34
C THR A 193 21.68 8.31 -11.23
N THR A 194 22.87 8.93 -11.23
CA THR A 194 24.00 8.46 -12.01
C THR A 194 25.24 8.34 -11.13
N TYR A 195 26.13 7.42 -11.50
CA TYR A 195 27.40 7.24 -10.82
C TYR A 195 28.54 7.76 -11.70
N ALA A 196 29.69 8.01 -11.06
CA ALA A 196 30.84 8.51 -11.79
C ALA A 196 32.06 7.59 -11.79
N ASN A 197 32.86 7.66 -10.72
CA ASN A 197 34.12 6.92 -10.66
C ASN A 197 33.91 5.41 -10.57
N GLY A 198 33.08 4.96 -9.63
CA GLY A 198 32.95 3.53 -9.40
C GLY A 198 31.57 2.99 -9.66
N SER A 199 31.12 2.07 -8.81
CA SER A 199 29.80 1.49 -8.99
C SER A 199 28.77 2.35 -8.27
N CYS A 200 27.51 1.89 -8.28
CA CYS A 200 26.46 2.61 -7.58
C CYS A 200 26.67 2.59 -6.07
N LYS A 201 27.10 1.44 -5.54
CA LYS A 201 27.43 1.38 -4.11
C LYS A 201 28.69 2.17 -3.79
N ALA A 202 29.70 2.08 -4.65
CA ALA A 202 30.96 2.78 -4.39
C ALA A 202 30.78 4.29 -4.42
N ASP A 203 29.88 4.81 -5.25
CA ASP A 203 29.66 6.24 -5.37
C ASP A 203 28.49 6.73 -4.53
N LEU A 204 28.09 5.96 -3.52
CA LEU A 204 27.00 6.40 -2.66
C LEU A 204 27.41 7.68 -1.92
N GLY A 205 26.46 8.60 -1.78
CA GLY A 205 26.77 9.90 -1.27
C GLY A 205 27.46 10.82 -2.27
N ALA A 206 27.79 10.31 -3.46
CA ALA A 206 28.40 11.13 -4.51
C ALA A 206 27.64 11.02 -5.82
N LEU A 207 26.50 10.33 -5.84
CA LEU A 207 25.70 10.25 -7.04
C LEU A 207 25.12 11.62 -7.39
N GLU A 208 24.71 11.77 -8.65
CA GLU A 208 24.00 12.95 -9.10
C GLU A 208 22.55 12.58 -9.42
N LEU A 209 21.63 13.46 -9.04
CA LEU A 209 20.22 13.27 -9.31
C LEU A 209 19.84 14.13 -10.50
N TRP A 210 19.22 13.52 -11.51
CA TRP A 210 18.91 14.20 -12.76
C TRP A 210 17.41 14.17 -13.03
N ARG A 211 16.98 15.09 -13.88
CA ARG A 211 15.60 15.19 -14.29
C ARG A 211 15.53 15.42 -15.79
N THR A 212 14.49 14.87 -16.41
CA THR A 212 14.20 15.15 -17.81
C THR A 212 12.68 15.17 -17.97
N SER A 213 12.18 16.23 -18.59
CA SER A 213 10.75 16.39 -18.80
C SER A 213 10.37 16.28 -20.28
N ASP A 214 11.33 15.95 -21.14
CA ASP A 214 11.06 15.77 -22.56
C ASP A 214 11.59 14.43 -23.08
N LEU A 215 11.53 13.39 -22.24
CA LEU A 215 11.96 12.04 -22.60
C LEU A 215 13.40 11.97 -23.11
N GLY A 216 14.30 12.71 -22.46
CA GLY A 216 15.71 12.63 -22.81
C GLY A 216 16.23 13.63 -23.80
N LYS A 217 15.38 14.53 -24.32
CA LYS A 217 15.88 15.57 -25.22
C LYS A 217 16.80 16.53 -24.48
N SER A 218 16.45 16.87 -23.24
CA SER A 218 17.24 17.78 -22.43
C SER A 218 17.23 17.29 -20.99
N PHE A 219 18.27 17.67 -20.24
CA PHE A 219 18.43 17.23 -18.87
C PHE A 219 18.78 18.40 -17.97
N LYS A 220 18.49 18.23 -16.68
CA LYS A 220 18.86 19.18 -15.65
C LYS A 220 19.35 18.41 -14.43
N THR A 221 20.45 18.86 -13.83
CA THR A 221 20.97 18.25 -12.62
C THR A 221 20.29 18.94 -11.45
N ILE A 222 19.44 18.20 -10.72
CA ILE A 222 18.69 18.77 -9.60
C ILE A 222 19.29 18.38 -8.25
N GLY A 223 20.37 17.61 -8.23
CA GLY A 223 20.98 17.22 -6.98
C GLY A 223 22.34 16.60 -7.12
N VAL A 224 23.25 16.94 -6.21
CA VAL A 224 24.59 16.36 -6.15
C VAL A 224 24.78 15.73 -4.78
N LYS A 225 25.84 14.93 -4.66
CA LYS A 225 26.16 14.23 -3.42
C LYS A 225 24.97 13.40 -2.96
N ILE A 226 24.29 12.78 -3.92
CA ILE A 226 23.07 12.03 -3.66
C ILE A 226 23.39 10.62 -3.19
N TYR A 227 22.66 10.18 -2.17
CA TYR A 227 22.69 8.81 -1.70
C TYR A 227 21.62 8.00 -2.43
N SER A 228 20.37 8.46 -2.36
CA SER A 228 19.25 7.87 -3.08
C SER A 228 18.12 8.89 -3.11
N PHE A 229 16.99 8.50 -3.69
CA PHE A 229 15.83 9.37 -3.74
C PHE A 229 14.56 8.54 -3.78
N GLY A 230 13.43 9.22 -3.59
CA GLY A 230 12.14 8.55 -3.62
C GLY A 230 11.03 9.55 -3.84
N LEU A 231 9.89 9.03 -4.30
CA LEU A 231 8.69 9.82 -4.57
C LEU A 231 7.57 9.37 -3.64
N GLY A 232 6.80 10.35 -3.14
CA GLY A 232 5.66 10.07 -2.31
C GLY A 232 4.68 11.21 -2.34
N GLY A 233 3.44 10.93 -2.72
CA GLY A 233 2.48 12.01 -2.94
C GLY A 233 3.06 12.98 -3.95
N ARG A 234 3.04 14.26 -3.57
CA ARG A 234 3.54 15.36 -4.39
C ARG A 234 4.97 15.73 -4.04
N PHE A 235 5.64 14.92 -3.23
CA PHE A 235 6.95 15.27 -2.71
C PHE A 235 8.01 14.44 -3.40
N LEU A 236 9.13 15.08 -3.71
CA LEU A 236 10.35 14.41 -4.14
C LEU A 236 11.34 14.50 -2.99
N PHE A 237 11.77 13.34 -2.50
CA PHE A 237 12.73 13.27 -1.42
C PHE A 237 14.08 12.81 -1.97
N ALA A 238 15.15 13.38 -1.42
CA ALA A 238 16.49 12.99 -1.78
C ALA A 238 17.35 12.97 -0.53
N SER A 239 18.17 11.94 -0.41
CA SER A 239 19.09 11.83 0.72
C SER A 239 20.46 12.28 0.25
N VAL A 240 21.08 13.17 1.02
CA VAL A 240 22.35 13.78 0.65
C VAL A 240 23.34 13.51 1.79
N MET A 241 24.62 13.44 1.43
CA MET A 241 25.65 13.17 2.41
C MET A 241 25.88 14.41 3.29
N ALA A 242 26.63 14.19 4.37
CA ALA A 242 27.23 15.25 5.17
C ALA A 242 28.72 15.19 4.87
N ASP A 243 29.30 16.32 4.45
CA ASP A 243 30.64 16.31 3.87
C ASP A 243 31.67 15.72 4.83
N LYS A 244 31.64 16.11 6.10
CA LYS A 244 32.66 15.64 7.04
C LYS A 244 32.61 14.15 7.33
N ASP A 245 31.49 13.46 7.11
CA ASP A 245 31.45 12.07 7.52
C ASP A 245 30.56 11.24 6.59
N THR A 246 30.20 10.04 7.05
CA THR A 246 29.45 9.02 6.31
C THR A 246 27.94 9.07 6.56
N THR A 247 27.41 10.16 7.07
CA THR A 247 25.99 10.27 7.36
C THR A 247 25.24 11.01 6.26
N ARG A 248 23.91 10.96 6.33
CA ARG A 248 23.07 11.55 5.29
C ARG A 248 21.79 12.08 5.92
N ARG A 249 21.11 12.95 5.17
CA ARG A 249 19.86 13.56 5.63
C ARG A 249 18.95 13.81 4.44
N ILE A 250 17.68 14.10 4.75
CA ILE A 250 16.62 14.22 3.75
C ILE A 250 16.48 15.67 3.32
N HIS A 251 16.40 15.88 2.00
CA HIS A 251 15.95 17.14 1.43
C HIS A 251 14.70 16.87 0.61
N VAL A 252 13.83 17.88 0.53
CA VAL A 252 12.50 17.73 -0.04
C VAL A 252 12.29 18.80 -1.10
N SER A 253 11.57 18.44 -2.17
CA SER A 253 11.18 19.38 -3.20
C SER A 253 9.75 19.09 -3.62
N THR A 254 8.96 20.15 -3.77
CA THR A 254 7.60 20.06 -4.28
C THR A 254 7.48 20.63 -5.69
N ASP A 255 8.60 20.96 -6.33
CA ASP A 255 8.62 21.51 -7.68
C ASP A 255 9.55 20.71 -8.58
N GLN A 256 9.55 19.38 -8.40
CA GLN A 256 10.34 18.46 -9.23
C GLN A 256 11.83 18.81 -9.23
N GLY A 257 12.34 19.34 -8.12
CA GLY A 257 13.77 19.54 -7.98
C GLY A 257 14.29 20.91 -8.37
N ASP A 258 13.43 21.83 -8.77
CA ASP A 258 13.90 23.20 -9.06
C ASP A 258 14.40 23.89 -7.81
N THR A 259 13.68 23.73 -6.69
CA THR A 259 14.09 24.27 -5.40
C THR A 259 14.02 23.17 -4.36
N TRP A 260 14.88 23.25 -3.36
CA TRP A 260 14.93 22.26 -2.31
C TRP A 260 14.97 22.92 -0.94
N SER A 261 14.55 22.17 0.06
CA SER A 261 14.63 22.57 1.46
C SER A 261 15.02 21.35 2.27
N MET A 262 15.73 21.59 3.36
CA MET A 262 16.14 20.48 4.22
C MET A 262 14.97 20.08 5.12
N ALA A 263 14.71 18.78 5.19
CA ALA A 263 13.64 18.29 6.04
C ALA A 263 14.08 18.33 7.49
N GLN A 264 13.13 18.67 8.38
CA GLN A 264 13.41 18.70 9.82
C GLN A 264 13.29 17.27 10.36
N LEU A 265 14.26 16.46 9.97
CA LEU A 265 14.34 15.05 10.35
C LEU A 265 15.77 14.73 10.74
N PRO A 266 15.97 13.77 11.64
CA PRO A 266 17.33 13.42 12.05
C PRO A 266 18.12 12.83 10.90
N SER A 267 19.42 13.09 10.93
CA SER A 267 20.33 12.41 10.04
C SER A 267 20.57 10.97 10.53
N VAL A 268 20.99 10.10 9.61
CA VAL A 268 21.20 8.70 9.91
C VAL A 268 22.54 8.26 9.34
N GLY A 269 23.04 7.14 9.87
CA GLY A 269 24.22 6.50 9.33
C GLY A 269 23.89 5.49 8.25
N GLN A 270 24.95 4.89 7.69
CA GLN A 270 24.78 3.94 6.59
C GLN A 270 23.97 2.71 6.98
N GLU A 271 24.08 2.26 8.24
CA GLU A 271 23.34 1.08 8.67
C GLU A 271 21.92 1.40 9.14
N GLN A 272 21.48 2.64 9.00
CA GLN A 272 20.09 3.00 9.19
C GLN A 272 19.42 3.20 7.84
N PHE A 273 18.09 3.30 7.86
CA PHE A 273 17.33 3.53 6.65
C PHE A 273 16.19 4.50 6.91
N TYR A 274 15.79 5.20 5.85
CA TYR A 274 14.53 5.92 5.80
C TYR A 274 13.52 5.10 5.01
N SER A 275 12.24 5.25 5.36
CA SER A 275 11.20 4.54 4.63
C SER A 275 9.93 5.39 4.61
N ILE A 276 9.42 5.64 3.42
CA ILE A 276 8.17 6.38 3.28
C ILE A 276 7.05 5.39 3.57
N LEU A 277 6.34 5.59 4.69
CA LEU A 277 5.28 4.66 5.06
C LEU A 277 4.02 4.90 4.26
N ALA A 278 3.67 6.17 4.06
CA ALA A 278 2.52 6.56 3.28
C ALA A 278 2.66 8.05 2.97
N ALA A 279 2.15 8.45 1.81
CA ALA A 279 2.24 9.85 1.43
C ALA A 279 1.12 10.17 0.45
N ASN A 280 0.65 11.41 0.50
CA ASN A 280 -0.42 11.86 -0.38
C ASN A 280 -0.18 13.32 -0.72
N ASP A 281 -1.23 13.99 -1.19
CA ASP A 281 -1.15 15.41 -1.52
C ASP A 281 -0.92 16.28 -0.29
N ASP A 282 -1.39 15.86 0.89
CA ASP A 282 -1.22 16.72 2.05
C ASP A 282 0.06 16.50 2.84
N MET A 283 0.53 15.26 2.97
CA MET A 283 1.61 15.01 3.92
C MET A 283 2.24 13.66 3.64
N VAL A 284 3.27 13.34 4.43
CA VAL A 284 3.97 12.07 4.32
C VAL A 284 4.19 11.51 5.73
N PHE A 285 4.15 10.18 5.82
CA PHE A 285 4.51 9.47 7.04
C PHE A 285 5.91 8.94 6.78
N MET A 286 6.88 9.38 7.56
CA MET A 286 8.27 8.98 7.36
C MET A 286 8.76 8.17 8.55
N HIS A 287 9.31 7.00 8.26
CA HIS A 287 9.93 6.16 9.28
C HIS A 287 11.44 6.37 9.25
N VAL A 288 12.04 6.57 10.41
CA VAL A 288 13.47 6.72 10.57
C VAL A 288 13.96 5.61 11.48
N ASP A 289 14.80 4.72 10.94
CA ASP A 289 15.33 3.62 11.74
C ASP A 289 16.18 4.15 12.89
N GLU A 290 16.02 3.55 14.05
CA GLU A 290 16.79 3.94 15.22
C GLU A 290 18.23 3.43 15.10
N PRO A 291 19.21 4.18 15.61
CA PRO A 291 20.60 3.72 15.54
C PRO A 291 20.78 2.44 16.34
N GLY A 292 21.54 1.50 15.79
CA GLY A 292 21.77 0.24 16.44
C GLY A 292 20.85 -0.85 15.92
N ASP A 293 21.20 -2.10 16.23
CA ASP A 293 20.38 -3.24 15.83
C ASP A 293 19.18 -3.31 16.78
N THR A 294 18.18 -2.48 16.49
CA THR A 294 16.99 -2.34 17.31
C THR A 294 15.75 -3.00 16.73
N GLY A 295 15.62 -3.02 15.41
CA GLY A 295 14.39 -3.49 14.80
C GLY A 295 13.22 -2.54 14.92
N PHE A 296 13.43 -1.31 15.37
CA PHE A 296 12.37 -0.33 15.45
C PHE A 296 12.93 1.04 15.13
N GLY A 297 12.03 1.98 14.90
CA GLY A 297 12.39 3.36 14.59
C GLY A 297 11.31 4.30 15.07
N THR A 298 11.24 5.46 14.42
CA THR A 298 10.29 6.50 14.82
C THR A 298 9.53 6.97 13.59
N ILE A 299 8.21 7.09 13.72
CA ILE A 299 7.38 7.66 12.68
C ILE A 299 7.31 9.17 12.89
N PHE A 300 7.53 9.91 11.80
CA PHE A 300 7.40 11.37 11.79
C PHE A 300 6.36 11.75 10.75
N THR A 301 5.51 12.71 11.08
CA THR A 301 4.52 13.23 10.16
C THR A 301 4.90 14.65 9.75
N SER A 302 4.78 14.93 8.45
CA SER A 302 5.20 16.21 7.90
C SER A 302 4.06 17.22 7.92
N ASP A 303 4.42 18.48 7.74
CA ASP A 303 3.45 19.53 7.45
C ASP A 303 3.14 19.46 5.95
N ASP A 304 2.36 20.41 5.44
CA ASP A 304 1.97 20.33 4.03
C ASP A 304 3.13 20.59 3.08
N ARG A 305 4.23 21.15 3.57
CA ARG A 305 5.41 21.37 2.74
C ARG A 305 6.36 20.19 2.73
N GLY A 306 6.12 19.18 3.56
CA GLY A 306 7.08 18.10 3.71
C GLY A 306 8.38 18.51 4.37
N ILE A 307 8.38 19.62 5.11
CA ILE A 307 9.60 20.22 5.65
C ILE A 307 9.64 20.10 7.17
N VAL A 308 8.60 20.56 7.85
CA VAL A 308 8.55 20.52 9.32
C VAL A 308 7.88 19.23 9.74
N TYR A 309 8.50 18.50 10.67
CA TYR A 309 8.05 17.17 11.05
C TYR A 309 7.74 17.13 12.54
N SER A 310 6.57 16.59 12.86
CA SER A 310 6.19 16.25 14.23
C SER A 310 6.48 14.78 14.49
N LYS A 311 6.94 14.48 15.70
CA LYS A 311 7.24 13.09 16.04
C LYS A 311 5.95 12.41 16.46
N SER A 312 5.58 11.37 15.73
CA SER A 312 4.24 10.81 15.83
C SER A 312 4.18 9.56 16.68
N LEU A 313 5.15 8.66 16.54
CA LEU A 313 5.07 7.38 17.23
C LEU A 313 6.48 6.87 17.47
N ASP A 314 6.76 6.47 18.71
CA ASP A 314 8.06 5.94 19.09
C ASP A 314 8.04 4.41 19.05
N ARG A 315 9.23 3.84 18.83
CA ARG A 315 9.44 2.39 18.85
C ARG A 315 8.55 1.68 17.83
N HIS A 316 8.45 2.26 16.64
CA HIS A 316 7.65 1.67 15.58
C HIS A 316 8.38 0.47 15.00
N LEU A 317 7.71 -0.69 15.00
CA LEU A 317 8.33 -1.91 14.50
C LEU A 317 8.60 -1.82 13.00
N TYR A 318 9.85 -2.08 12.62
CA TYR A 318 10.28 -2.10 11.22
C TYR A 318 11.61 -2.87 11.22
N THR A 319 11.54 -4.17 10.97
CA THR A 319 12.73 -5.00 11.04
C THR A 319 13.66 -4.79 9.86
N THR A 320 14.95 -5.04 10.08
CA THR A 320 15.91 -5.01 9.00
C THR A 320 15.81 -6.27 8.14
N THR A 321 15.84 -7.44 8.78
CA THR A 321 15.69 -8.71 8.08
C THR A 321 14.31 -8.83 7.43
N GLY A 322 14.26 -8.69 6.11
CA GLY A 322 13.01 -8.74 5.38
C GLY A 322 12.33 -7.41 5.21
N GLY A 323 12.73 -6.39 5.97
CA GLY A 323 12.09 -5.08 5.90
C GLY A 323 10.62 -5.15 6.24
N GLU A 324 10.29 -5.83 7.33
CA GLU A 324 8.90 -6.09 7.70
C GLU A 324 8.38 -4.97 8.60
N THR A 325 7.25 -4.39 8.21
CA THR A 325 6.54 -3.42 9.04
C THR A 325 5.05 -3.69 8.95
N ASP A 326 4.33 -3.39 10.03
CA ASP A 326 2.90 -3.62 10.09
C ASP A 326 2.10 -2.36 9.80
N PHE A 327 2.75 -1.28 9.36
CA PHE A 327 2.04 -0.03 9.11
C PHE A 327 1.00 -0.23 8.01
N THR A 328 -0.24 0.14 8.31
CA THR A 328 -1.36 -0.12 7.42
C THR A 328 -2.26 1.10 7.38
N ASN A 329 -2.41 1.69 6.20
CA ASN A 329 -3.44 2.69 5.97
C ASN A 329 -4.79 1.99 5.94
N VAL A 330 -5.65 2.31 6.91
CA VAL A 330 -7.01 1.80 6.88
C VAL A 330 -7.78 2.62 5.85
N THR A 331 -7.85 2.10 4.62
CA THR A 331 -8.34 2.88 3.49
C THR A 331 -9.85 3.08 3.52
N SER A 332 -10.57 2.41 4.42
CA SER A 332 -12.02 2.54 4.49
C SER A 332 -12.49 3.67 5.40
N LEU A 333 -11.58 4.43 6.01
CA LEU A 333 -11.99 5.59 6.79
C LEU A 333 -10.88 6.63 6.83
N ARG A 334 -11.22 7.85 6.46
CA ARG A 334 -10.32 9.00 6.51
C ARG A 334 -9.58 9.13 7.83
N GLY A 335 -8.26 9.28 7.74
CA GLY A 335 -7.36 9.52 8.86
C GLY A 335 -6.98 8.32 9.70
N VAL A 336 -7.42 7.12 9.35
CA VAL A 336 -7.21 5.95 10.20
C VAL A 336 -6.01 5.18 9.69
N TYR A 337 -5.06 4.89 10.59
CA TYR A 337 -3.88 4.09 10.30
C TYR A 337 -3.59 3.20 11.50
N ILE A 338 -3.11 1.99 11.23
CA ILE A 338 -2.80 1.00 12.25
CA ILE A 338 -2.78 1.04 12.28
C ILE A 338 -1.36 0.52 12.04
N THR A 339 -0.65 0.26 13.14
CA THR A 339 0.70 -0.28 13.07
C THR A 339 1.05 -0.96 14.38
N SER A 340 2.24 -1.53 14.44
CA SER A 340 2.75 -2.25 15.59
CA SER A 340 2.74 -2.25 15.60
C SER A 340 3.91 -1.49 16.23
N VAL A 341 3.96 -1.49 17.55
CA VAL A 341 5.05 -0.85 18.29
C VAL A 341 5.70 -1.88 19.19
N LEU A 342 6.98 -1.66 19.49
CA LEU A 342 7.72 -2.51 20.41
C LEU A 342 7.69 -1.85 21.78
N SER A 343 7.07 -2.52 22.74
CA SER A 343 7.14 -2.04 24.10
C SER A 343 8.56 -2.20 24.65
N GLU A 344 8.78 -1.59 25.82
CA GLU A 344 10.08 -1.76 26.47
C GLU A 344 10.28 -3.21 26.88
N ASP A 345 9.18 -3.93 27.11
CA ASP A 345 9.18 -5.32 27.53
C ASP A 345 9.50 -6.29 26.40
N ASN A 346 9.80 -5.77 25.21
CA ASN A 346 10.05 -6.54 24.00
C ASN A 346 8.78 -7.21 23.46
N SER A 347 7.62 -6.76 23.91
CA SER A 347 6.36 -7.25 23.38
C SER A 347 5.92 -6.33 22.25
N ILE A 348 5.00 -6.83 21.42
CA ILE A 348 4.51 -6.09 20.27
C ILE A 348 3.06 -5.73 20.52
N GLN A 349 2.75 -4.44 20.39
CA GLN A 349 1.41 -3.93 20.61
C GLN A 349 0.91 -3.24 19.35
N THR A 350 -0.37 -3.43 19.05
CA THR A 350 -1.00 -2.77 17.90
C THR A 350 -1.56 -1.42 18.36
N MET A 351 -1.26 -0.37 17.61
CA MET A 351 -1.75 0.96 17.88
C MET A 351 -2.58 1.46 16.70
N ILE A 352 -3.52 2.34 16.98
CA ILE A 352 -4.38 2.91 15.95
C ILE A 352 -4.43 4.41 16.13
N THR A 353 -4.35 5.15 15.02
CA THR A 353 -4.62 6.57 15.00
C THR A 353 -5.86 6.84 14.14
N PHE A 354 -6.69 7.76 14.60
CA PHE A 354 -7.85 8.20 13.86
C PHE A 354 -7.67 9.58 13.25
N ASP A 355 -6.62 10.30 13.64
CA ASP A 355 -6.41 11.67 13.16
C ASP A 355 -5.04 11.82 12.50
N GLN A 356 -4.70 10.89 11.60
CA GLN A 356 -3.54 11.04 10.72
C GLN A 356 -2.25 11.17 11.54
N GLY A 357 -2.14 10.37 12.60
CA GLY A 357 -0.94 10.35 13.42
C GLY A 357 -0.86 11.43 14.47
N GLY A 358 -1.94 12.17 14.71
CA GLY A 358 -1.94 13.14 15.79
C GLY A 358 -1.83 12.49 17.15
N ARG A 359 -2.58 11.40 17.35
CA ARG A 359 -2.55 10.66 18.59
C ARG A 359 -2.77 9.18 18.27
N TRP A 360 -2.11 8.31 19.04
CA TRP A 360 -2.22 6.88 18.87
C TRP A 360 -2.74 6.27 20.17
N THR A 361 -3.50 5.18 20.03
CA THR A 361 -4.08 4.51 21.18
C THR A 361 -4.21 3.03 20.86
N HIS A 362 -4.51 2.24 21.89
CA HIS A 362 -4.77 0.83 21.70
C HIS A 362 -6.16 0.63 21.08
N LEU A 363 -6.33 -0.49 20.38
CA LEU A 363 -7.60 -0.83 19.77
C LEU A 363 -8.54 -1.42 20.80
N ARG A 364 -9.79 -0.98 20.77
CA ARG A 364 -10.77 -1.45 21.74
C ARG A 364 -11.12 -2.90 21.46
N LYS A 365 -11.08 -3.73 22.50
CA LYS A 365 -11.35 -5.14 22.36
C LYS A 365 -12.84 -5.39 22.17
N PRO A 366 -13.21 -6.51 21.54
CA PRO A 366 -14.63 -6.85 21.41
C PRO A 366 -15.26 -6.98 22.78
N GLU A 367 -16.52 -6.54 22.87
CA GLU A 367 -17.22 -6.56 24.16
C GLU A 367 -17.32 -7.97 24.74
N ASN A 368 -17.62 -8.96 23.89
CA ASN A 368 -17.76 -10.33 24.33
C ASN A 368 -16.46 -11.11 24.39
N SER A 369 -15.31 -10.50 24.08
CA SER A 369 -14.05 -11.21 24.09
C SER A 369 -13.38 -11.13 25.46
N GLU A 370 -12.85 -12.27 25.90
CA GLU A 370 -12.03 -12.33 27.10
C GLU A 370 -10.55 -12.25 26.71
N CYS A 371 -9.73 -11.85 27.67
CA CYS A 371 -8.31 -11.65 27.41
C CYS A 371 -7.56 -12.98 27.44
N ASP A 372 -6.51 -13.07 26.63
CA ASP A 372 -5.72 -14.28 26.54
C ASP A 372 -4.60 -14.27 27.59
N ALA A 373 -3.66 -15.21 27.46
CA ALA A 373 -2.59 -15.36 28.45
C ALA A 373 -1.59 -14.22 28.42
N THR A 374 -1.63 -13.33 27.43
CA THR A 374 -0.72 -12.20 27.41
C THR A 374 -1.15 -11.07 28.32
N ALA A 375 -2.37 -11.08 28.83
CA ALA A 375 -2.90 -9.99 29.64
C ALA A 375 -2.91 -10.34 31.11
N LYS A 376 -2.36 -9.43 31.93
CA LYS A 376 -2.40 -9.61 33.38
C LYS A 376 -3.83 -9.69 33.90
N ASN A 377 -4.72 -8.85 33.36
CA ASN A 377 -6.11 -8.77 33.79
C ASN A 377 -6.99 -9.50 32.78
N LYS A 378 -7.85 -10.38 33.29
CA LYS A 378 -8.71 -11.20 32.43
C LYS A 378 -9.76 -10.38 31.69
N ASN A 379 -10.21 -9.25 32.27
CA ASN A 379 -11.24 -8.44 31.63
C ASN A 379 -10.74 -7.13 31.03
N GLU A 380 -9.48 -6.74 31.22
CA GLU A 380 -8.95 -5.48 30.71
C GLU A 380 -7.79 -5.76 29.76
N CYS A 381 -8.02 -5.56 28.47
CA CYS A 381 -6.98 -5.72 27.47
C CYS A 381 -7.45 -5.08 26.16
N SER A 382 -6.64 -5.22 25.12
CA SER A 382 -6.87 -4.58 23.84
C SER A 382 -6.93 -5.63 22.74
N LEU A 383 -7.26 -5.17 21.53
CA LEU A 383 -7.18 -6.00 20.34
C LEU A 383 -5.88 -5.70 19.61
N HIS A 384 -5.17 -6.75 19.21
CA HIS A 384 -3.92 -6.63 18.48
C HIS A 384 -4.08 -7.32 17.13
N ILE A 385 -3.37 -6.80 16.13
CA ILE A 385 -3.61 -7.16 14.73
C ILE A 385 -2.38 -7.84 14.15
N HIS A 386 -2.61 -8.94 13.43
CA HIS A 386 -1.55 -9.66 12.74
C HIS A 386 -1.39 -9.06 11.35
N ALA A 387 -0.16 -8.64 11.02
CA ALA A 387 0.13 -8.07 9.71
C ALA A 387 1.37 -8.71 9.12
N SER A 388 2.16 -7.92 8.36
CA SER A 388 3.31 -8.46 7.64
C SER A 388 4.32 -9.13 8.57
N TYR A 389 4.56 -8.55 9.75
CA TYR A 389 5.57 -9.15 10.62
C TYR A 389 5.12 -10.51 11.17
N SER A 390 3.87 -10.61 11.62
CA SER A 390 3.35 -11.90 12.05
C SER A 390 3.46 -12.93 10.94
N ILE A 391 3.13 -12.54 9.71
CA ILE A 391 3.22 -13.46 8.58
C ILE A 391 4.67 -13.86 8.33
N SER A 392 5.59 -12.89 8.38
CA SER A 392 7.00 -13.20 8.16
C SER A 392 7.56 -14.13 9.23
N GLN A 393 6.96 -14.16 10.41
CA GLN A 393 7.42 -15.00 11.50
C GLN A 393 6.75 -16.36 11.49
N LYS A 394 6.04 -16.69 10.40
CA LYS A 394 5.42 -17.98 10.17
C LYS A 394 4.31 -18.29 11.16
N LEU A 395 3.66 -17.25 11.70
CA LEU A 395 2.46 -17.52 12.47
C LEU A 395 1.34 -17.91 11.50
N ASN A 396 0.31 -18.56 12.04
CA ASN A 396 -0.76 -19.11 11.19
C ASN A 396 -1.71 -17.99 10.78
N VAL A 397 -1.19 -17.09 9.94
CA VAL A 397 -1.91 -15.92 9.49
C VAL A 397 -1.95 -15.96 7.96
N PRO A 398 -3.07 -16.40 7.38
CA PRO A 398 -3.15 -16.48 5.90
C PRO A 398 -3.17 -15.13 5.20
N MET A 399 -3.76 -14.09 5.81
CA MET A 399 -3.83 -12.78 5.17
C MET A 399 -3.60 -11.66 6.17
N ALA A 400 -3.16 -10.52 5.64
CA ALA A 400 -2.95 -9.29 6.37
C ALA A 400 -4.29 -8.54 6.44
N PRO A 401 -4.38 -7.40 7.13
CA PRO A 401 -5.66 -6.68 7.18
C PRO A 401 -6.16 -6.29 5.80
N LEU A 402 -7.49 -6.26 5.66
CA LEU A 402 -8.14 -5.91 4.40
C LEU A 402 -9.09 -4.74 4.63
N SER A 403 -8.97 -3.73 3.76
CA SER A 403 -9.91 -2.62 3.71
C SER A 403 -9.98 -2.15 2.27
N GLU A 404 -11.14 -1.59 1.90
CA GLU A 404 -11.36 -1.03 0.57
C GLU A 404 -12.03 0.32 0.74
N PRO A 405 -11.59 1.36 0.03
CA PRO A 405 -12.20 2.69 0.21
C PRO A 405 -13.67 2.74 -0.17
N ASN A 406 -14.14 1.87 -1.06
CA ASN A 406 -15.54 1.88 -1.46
C ASN A 406 -16.44 1.10 -0.50
N ALA A 407 -15.87 0.36 0.45
CA ALA A 407 -16.62 -0.33 1.50
C ALA A 407 -16.38 0.45 2.79
N VAL A 408 -17.18 1.50 2.98
CA VAL A 408 -16.97 2.49 4.04
C VAL A 408 -16.95 1.83 5.42
N GLY A 409 -15.86 2.07 6.15
CA GLY A 409 -15.75 1.64 7.53
C GLY A 409 -15.35 0.20 7.77
N ILE A 410 -15.36 -0.65 6.75
CA ILE A 410 -15.11 -2.07 6.96
CA ILE A 410 -15.10 -2.08 6.96
C ILE A 410 -13.61 -2.32 7.07
N VAL A 411 -13.20 -3.03 8.11
CA VAL A 411 -11.83 -3.49 8.32
C VAL A 411 -11.88 -4.94 8.78
N ILE A 412 -11.06 -5.79 8.16
CA ILE A 412 -11.03 -7.22 8.45
C ILE A 412 -9.59 -7.64 8.67
N ALA A 413 -9.33 -8.37 9.75
CA ALA A 413 -7.96 -8.76 10.08
C ALA A 413 -7.96 -9.92 11.05
N HIS A 414 -6.92 -10.76 10.93
CA HIS A 414 -6.61 -11.70 11.99
C HIS A 414 -6.05 -10.96 13.20
N GLY A 415 -6.40 -11.39 14.39
CA GLY A 415 -5.95 -10.71 15.57
C GLY A 415 -6.03 -11.59 16.80
N SER A 416 -5.72 -10.98 17.94
CA SER A 416 -5.78 -11.64 19.23
C SER A 416 -6.10 -10.59 20.29
N VAL A 417 -6.87 -11.00 21.29
CA VAL A 417 -7.34 -10.09 22.34
C VAL A 417 -6.50 -10.35 23.58
N GLY A 418 -5.72 -9.33 23.98
CA GLY A 418 -4.78 -9.44 25.07
C GLY A 418 -3.98 -8.17 25.25
N ASP A 419 -2.76 -8.29 25.79
CA ASP A 419 -1.89 -7.13 25.96
C ASP A 419 -0.79 -7.05 24.91
N ALA A 420 -0.65 -8.07 24.07
CA ALA A 420 0.36 -8.07 23.02
C ALA A 420 -0.08 -9.06 21.94
N ILE A 421 0.52 -8.92 20.76
CA ILE A 421 0.34 -9.91 19.70
C ILE A 421 0.78 -11.26 20.23
N SER A 422 -0.13 -12.22 20.23
CA SER A 422 0.15 -13.57 20.71
C SER A 422 0.44 -14.50 19.54
N VAL A 423 1.13 -15.60 19.83
CA VAL A 423 1.54 -16.56 18.82
C VAL A 423 0.48 -17.63 18.55
N MET A 424 -0.63 -17.63 19.27
CA MET A 424 -1.63 -18.66 19.09
CA MET A 424 -1.64 -18.65 19.09
C MET A 424 -2.34 -18.50 17.74
N VAL A 425 -2.98 -19.58 17.31
CA VAL A 425 -3.71 -19.59 16.05
C VAL A 425 -4.84 -18.57 16.14
N PRO A 426 -4.88 -17.58 15.24
CA PRO A 426 -5.75 -16.42 15.45
C PRO A 426 -7.13 -16.55 14.84
N ASP A 427 -8.06 -15.82 15.45
CA ASP A 427 -9.39 -15.63 14.89
C ASP A 427 -9.41 -14.41 13.97
N VAL A 428 -10.51 -14.26 13.24
CA VAL A 428 -10.70 -13.13 12.34
C VAL A 428 -11.67 -12.16 13.00
N TYR A 429 -11.28 -10.89 13.05
CA TYR A 429 -12.11 -9.85 13.64
C TYR A 429 -12.46 -8.82 12.57
N ILE A 430 -13.58 -8.14 12.77
CA ILE A 430 -14.11 -7.19 11.80
C ILE A 430 -14.55 -5.93 12.51
N SER A 431 -14.33 -4.78 11.87
CA SER A 431 -14.86 -3.51 12.29
C SER A 431 -15.69 -2.94 11.15
N ASP A 432 -16.82 -2.31 11.49
CA ASP A 432 -17.65 -1.63 10.51
C ASP A 432 -17.62 -0.12 10.66
N ASP A 433 -16.80 0.41 11.57
CA ASP A 433 -16.75 1.84 11.81
C ASP A 433 -15.33 2.38 11.72
N GLY A 434 -14.48 1.74 10.90
CA GLY A 434 -13.13 2.22 10.70
C GLY A 434 -12.17 1.91 11.82
N GLY A 435 -12.50 0.98 12.70
CA GLY A 435 -11.58 0.53 13.74
C GLY A 435 -11.92 1.00 15.15
N TYR A 436 -13.01 1.74 15.34
CA TYR A 436 -13.37 2.16 16.69
C TYR A 436 -13.88 0.98 17.52
N SER A 437 -14.67 0.10 16.91
CA SER A 437 -15.24 -1.05 17.61
C SER A 437 -14.99 -2.30 16.78
N TRP A 438 -14.93 -3.44 17.47
CA TRP A 438 -14.53 -4.68 16.82
C TRP A 438 -15.39 -5.83 17.33
N THR A 439 -15.61 -6.80 16.46
CA THR A 439 -16.30 -8.03 16.81
CA THR A 439 -16.32 -8.03 16.78
C THR A 439 -15.56 -9.20 16.18
N LYS A 440 -15.67 -10.36 16.83
CA LYS A 440 -15.08 -11.56 16.26
C LYS A 440 -15.91 -12.00 15.05
N MET A 441 -15.28 -12.00 13.87
CA MET A 441 -16.01 -12.32 12.65
C MET A 441 -16.13 -13.82 12.46
N LEU A 442 -15.01 -14.53 12.57
CA LEU A 442 -15.00 -15.98 12.40
C LEU A 442 -13.98 -16.60 13.34
N GLU A 443 -14.20 -17.87 13.66
CA GLU A 443 -13.30 -18.61 14.52
C GLU A 443 -12.24 -19.28 13.66
N GLY A 444 -10.98 -19.10 14.02
CA GLY A 444 -9.88 -19.66 13.26
C GLY A 444 -9.47 -18.79 12.10
N PRO A 445 -8.35 -19.11 11.48
CA PRO A 445 -7.87 -18.31 10.35
C PRO A 445 -8.66 -18.57 9.07
N HIS A 446 -8.76 -17.52 8.26
CA HIS A 446 -9.47 -17.57 6.98
C HIS A 446 -8.86 -16.60 5.99
N TYR A 447 -9.03 -16.92 4.71
CA TYR A 447 -8.82 -15.97 3.63
C TYR A 447 -10.13 -15.23 3.40
N TYR A 448 -10.06 -13.92 3.18
CA TYR A 448 -11.27 -13.13 3.04
C TYR A 448 -11.12 -12.14 1.88
N THR A 449 -12.28 -11.74 1.34
CA THR A 449 -12.35 -10.82 0.22
C THR A 449 -13.66 -10.05 0.31
N ILE A 450 -13.62 -8.77 -0.07
CA ILE A 450 -14.81 -7.93 -0.13
C ILE A 450 -15.23 -7.79 -1.59
N LEU A 451 -16.51 -8.03 -1.87
CA LEU A 451 -17.08 -7.83 -3.19
C LEU A 451 -18.21 -6.81 -3.14
N ASP A 452 -18.50 -6.20 -4.29
CA ASP A 452 -19.60 -5.25 -4.46
C ASP A 452 -19.58 -4.14 -3.41
N SER A 453 -18.42 -3.52 -3.23
CA SER A 453 -18.25 -2.41 -2.31
C SER A 453 -18.80 -2.72 -0.92
N GLY A 454 -18.66 -3.97 -0.50
CA GLY A 454 -19.14 -4.41 0.79
C GLY A 454 -20.50 -5.08 0.78
N GLY A 455 -21.14 -5.19 -0.39
CA GLY A 455 -22.41 -5.90 -0.46
C GLY A 455 -22.31 -7.36 -0.07
N ILE A 456 -21.13 -7.95 -0.20
CA ILE A 456 -20.93 -9.33 0.21
CA ILE A 456 -20.90 -9.36 0.14
C ILE A 456 -19.48 -9.51 0.64
N ILE A 457 -19.31 -10.24 1.74
CA ILE A 457 -17.99 -10.62 2.24
C ILE A 457 -17.88 -12.13 2.12
N VAL A 458 -16.75 -12.60 1.63
CA VAL A 458 -16.49 -14.02 1.37
CA VAL A 458 -16.52 -14.03 1.41
C VAL A 458 -15.32 -14.48 2.21
N ALA A 459 -15.38 -15.71 2.72
CA ALA A 459 -14.30 -16.27 3.52
C ALA A 459 -14.06 -17.73 3.16
N ILE A 460 -12.79 -18.11 3.13
CA ILE A 460 -12.35 -19.48 2.91
C ILE A 460 -11.52 -19.93 4.11
N GLU A 461 -11.92 -21.03 4.73
CA GLU A 461 -11.19 -21.55 5.88
C GLU A 461 -9.75 -21.93 5.50
N HIS A 462 -8.81 -21.57 6.36
CA HIS A 462 -7.41 -21.90 6.16
C HIS A 462 -7.13 -23.20 6.91
N SER A 463 -6.91 -24.28 6.17
CA SER A 463 -6.79 -25.60 6.76
C SER A 463 -5.65 -26.37 6.09
N SER A 464 -5.10 -27.32 6.84
CA SER A 464 -4.10 -28.22 6.28
C SER A 464 -4.74 -29.25 5.35
N ARG A 465 -5.99 -29.61 5.62
CA ARG A 465 -6.73 -30.57 4.81
C ARG A 465 -7.44 -29.87 3.67
N PRO A 466 -7.82 -30.61 2.62
CA PRO A 466 -8.54 -29.99 1.50
C PRO A 466 -9.91 -29.50 1.94
N ILE A 467 -10.40 -28.46 1.26
CA ILE A 467 -11.68 -27.86 1.58
C ILE A 467 -12.56 -27.82 0.33
N ASN A 468 -13.86 -27.67 0.56
CA ASN A 468 -14.81 -27.56 -0.55
C ASN A 468 -16.01 -26.70 -0.16
N VAL A 469 -15.82 -25.78 0.77
CA VAL A 469 -16.90 -24.91 1.23
C VAL A 469 -16.41 -23.47 1.19
N ILE A 470 -17.35 -22.55 1.03
CA ILE A 470 -17.08 -21.11 0.97
C ILE A 470 -18.13 -20.42 1.80
N LYS A 471 -17.70 -19.47 2.62
CA LYS A 471 -18.59 -18.73 3.50
C LYS A 471 -18.84 -17.36 2.93
N PHE A 472 -20.09 -16.90 3.02
CA PHE A 472 -20.44 -15.58 2.49
C PHE A 472 -21.42 -14.90 3.44
N SER A 473 -21.40 -13.57 3.40
CA SER A 473 -22.22 -12.74 4.28
C SER A 473 -22.68 -11.52 3.51
N THR A 474 -23.97 -11.21 3.62
CA THR A 474 -24.55 -10.03 3.00
C THR A 474 -24.84 -8.92 4.00
N ASP A 475 -24.41 -9.07 5.25
CA ASP A 475 -24.68 -8.09 6.29
C ASP A 475 -23.39 -7.64 6.97
N GLU A 476 -22.34 -7.47 6.19
CA GLU A 476 -21.03 -7.00 6.66
C GLU A 476 -20.46 -7.88 7.79
N GLY A 477 -20.58 -9.19 7.63
CA GLY A 477 -19.89 -10.12 8.51
C GLY A 477 -20.58 -10.47 9.81
N GLN A 478 -21.85 -10.09 9.99
CA GLN A 478 -22.54 -10.48 11.21
C GLN A 478 -23.13 -11.88 11.11
N CYS A 479 -23.70 -12.22 9.96
CA CYS A 479 -24.32 -13.53 9.75
C CYS A 479 -23.70 -14.19 8.52
N TRP A 480 -23.50 -15.49 8.59
CA TRP A 480 -22.77 -16.22 7.57
C TRP A 480 -23.54 -17.46 7.13
N GLN A 481 -23.33 -17.84 5.87
CA GLN A 481 -23.86 -19.08 5.32
C GLN A 481 -22.75 -19.76 4.53
N THR A 482 -22.78 -21.09 4.53
CA THR A 482 -21.74 -21.90 3.90
C THR A 482 -22.27 -22.60 2.67
N TYR A 483 -21.50 -22.56 1.59
CA TYR A 483 -21.87 -23.12 0.30
C TYR A 483 -20.81 -24.11 -0.15
N THR A 484 -21.22 -25.34 -0.40
CA THR A 484 -20.31 -26.36 -0.93
C THR A 484 -20.18 -26.14 -2.44
N PHE A 485 -19.03 -25.68 -2.89
CA PHE A 485 -18.84 -25.31 -4.28
C PHE A 485 -18.29 -26.43 -5.15
N THR A 486 -17.92 -27.57 -4.55
CA THR A 486 -17.44 -28.72 -5.31
C THR A 486 -17.54 -29.98 -4.47
N ARG A 487 -17.67 -31.12 -5.14
CA ARG A 487 -17.64 -32.40 -4.45
C ARG A 487 -16.25 -33.02 -4.38
N ASP A 488 -15.27 -32.42 -5.05
CA ASP A 488 -13.88 -32.88 -4.97
C ASP A 488 -13.08 -31.82 -4.22
N PRO A 489 -12.82 -32.01 -2.93
CA PRO A 489 -12.12 -30.96 -2.16
C PRO A 489 -10.75 -30.66 -2.72
N ILE A 490 -10.35 -29.39 -2.58
CA ILE A 490 -9.07 -28.92 -3.09
C ILE A 490 -8.23 -28.41 -1.94
N TYR A 491 -6.92 -28.60 -2.07
CA TYR A 491 -5.97 -27.87 -1.23
C TYR A 491 -5.96 -26.40 -1.65
N PHE A 492 -6.56 -25.54 -0.84
CA PHE A 492 -6.74 -24.15 -1.21
C PHE A 492 -5.41 -23.42 -1.19
N THR A 493 -5.19 -22.56 -2.19
CA THR A 493 -4.00 -21.73 -2.23
C THR A 493 -4.26 -20.22 -2.19
N GLY A 494 -5.33 -19.74 -2.81
CA GLY A 494 -5.57 -18.31 -2.80
C GLY A 494 -6.86 -17.95 -3.51
N LEU A 495 -7.30 -16.72 -3.24
CA LEU A 495 -8.46 -16.12 -3.89
C LEU A 495 -8.00 -15.12 -4.94
N ALA A 496 -8.77 -15.01 -6.01
CA ALA A 496 -8.56 -13.99 -7.04
C ALA A 496 -9.87 -13.28 -7.31
N SER A 497 -9.86 -11.96 -7.21
CA SER A 497 -11.02 -11.14 -7.55
C SER A 497 -10.53 -9.82 -8.14
N GLU A 498 -11.38 -9.21 -8.96
CA GLU A 498 -10.97 -8.04 -9.71
C GLU A 498 -10.59 -6.91 -8.76
N PRO A 499 -9.44 -6.26 -8.95
CA PRO A 499 -9.05 -5.17 -8.06
C PRO A 499 -10.12 -4.08 -8.03
N GLY A 500 -10.28 -3.46 -6.86
CA GLY A 500 -11.28 -2.43 -6.66
C GLY A 500 -12.52 -2.89 -5.92
N ALA A 501 -12.69 -4.19 -5.73
CA ALA A 501 -13.76 -4.75 -4.91
C ALA A 501 -15.14 -4.28 -5.38
N ARG A 502 -15.31 -4.18 -6.70
CA ARG A 502 -16.59 -3.80 -7.28
C ARG A 502 -17.25 -4.94 -8.06
N SER A 503 -16.55 -6.05 -8.26
CA SER A 503 -17.15 -7.17 -8.98
C SER A 503 -17.98 -8.02 -8.03
N MET A 504 -18.74 -8.93 -8.61
CA MET A 504 -19.44 -9.98 -7.88
C MET A 504 -18.92 -11.36 -8.25
N ASN A 505 -17.71 -11.40 -8.81
CA ASN A 505 -17.07 -12.64 -9.21
C ASN A 505 -15.87 -12.87 -8.29
N ILE A 506 -15.70 -14.11 -7.83
CA ILE A 506 -14.52 -14.47 -7.05
C ILE A 506 -14.02 -15.82 -7.56
N SER A 507 -12.71 -15.98 -7.57
CA SER A 507 -12.06 -17.18 -8.10
C SER A 507 -11.34 -17.89 -6.97
N ILE A 508 -11.72 -19.13 -6.72
CA ILE A 508 -11.10 -19.95 -5.68
C ILE A 508 -10.08 -20.84 -6.35
N TRP A 509 -8.82 -20.73 -5.92
CA TRP A 509 -7.72 -21.46 -6.55
C TRP A 509 -7.14 -22.49 -5.61
N GLY A 510 -6.75 -23.62 -6.17
CA GLY A 510 -6.12 -24.68 -5.40
C GLY A 510 -5.75 -25.82 -6.32
N PHE A 511 -5.26 -26.90 -5.72
CA PHE A 511 -4.94 -28.10 -6.49
C PHE A 511 -5.68 -29.28 -5.88
N THR A 512 -6.08 -30.20 -6.74
CA THR A 512 -6.83 -31.38 -6.35
C THR A 512 -5.93 -32.36 -5.60
N GLU A 513 -6.57 -33.35 -4.97
CA GLU A 513 -5.85 -34.30 -4.13
C GLU A 513 -4.83 -35.08 -4.97
N SER A 514 -3.87 -35.70 -4.27
CA SER A 514 -2.72 -36.30 -4.96
C SER A 514 -3.12 -37.37 -5.96
N PHE A 515 -4.19 -38.13 -5.68
CA PHE A 515 -4.61 -39.18 -6.59
C PHE A 515 -5.13 -38.63 -7.92
N LEU A 516 -5.28 -37.30 -8.03
CA LEU A 516 -5.70 -36.63 -9.26
C LEU A 516 -4.56 -35.85 -9.90
N THR A 517 -3.33 -36.15 -9.50
CA THR A 517 -2.11 -35.49 -9.98
C THR A 517 -2.06 -34.02 -9.59
N SER A 518 -2.88 -33.63 -8.63
CA SER A 518 -2.88 -32.30 -8.01
C SER A 518 -2.74 -31.18 -9.04
N GLN A 519 -3.56 -31.24 -10.09
CA GLN A 519 -3.50 -30.17 -11.07
C GLN A 519 -4.11 -28.91 -10.48
N TRP A 520 -3.67 -27.77 -10.99
CA TRP A 520 -4.28 -26.52 -10.57
C TRP A 520 -5.71 -26.48 -11.07
N VAL A 521 -6.61 -25.94 -10.24
CA VAL A 521 -8.00 -25.79 -10.62
C VAL A 521 -8.52 -24.52 -9.97
N SER A 522 -9.46 -23.87 -10.64
CA SER A 522 -10.08 -22.66 -10.12
C SER A 522 -11.59 -22.81 -10.22
N TYR A 523 -12.27 -22.38 -9.16
CA TYR A 523 -13.72 -22.33 -9.10
C TYR A 523 -14.12 -20.87 -8.99
N THR A 524 -14.69 -20.32 -10.05
CA THR A 524 -15.14 -18.93 -10.06
C THR A 524 -16.65 -18.90 -9.83
N ILE A 525 -17.06 -18.15 -8.81
CA ILE A 525 -18.45 -18.09 -8.37
C ILE A 525 -18.98 -16.69 -8.65
N ASP A 526 -20.19 -16.62 -9.22
CA ASP A 526 -20.84 -15.36 -9.52
C ASP A 526 -22.01 -15.22 -8.55
N PHE A 527 -22.05 -14.10 -7.83
CA PHE A 527 -23.07 -13.84 -6.82
C PHE A 527 -24.23 -13.01 -7.37
N LYS A 528 -24.41 -12.97 -8.68
CA LYS A 528 -25.46 -12.13 -9.26
C LYS A 528 -26.86 -12.61 -8.93
N ASP A 529 -27.05 -13.92 -8.76
CA ASP A 529 -28.37 -14.39 -8.34
C ASP A 529 -28.57 -14.33 -6.84
N ILE A 530 -27.51 -14.19 -6.05
CA ILE A 530 -27.68 -13.93 -4.62
C ILE A 530 -28.11 -12.49 -4.39
N LEU A 531 -27.40 -11.54 -5.00
CA LEU A 531 -27.81 -10.13 -4.97
C LEU A 531 -28.57 -9.82 -6.25
N GLU A 532 -29.76 -10.42 -6.36
CA GLU A 532 -30.58 -10.23 -7.56
C GLU A 532 -31.10 -8.80 -7.66
N ARG A 533 -31.50 -8.23 -6.54
CA ARG A 533 -32.12 -6.91 -6.52
C ARG A 533 -31.05 -5.84 -6.45
N ASN A 534 -31.23 -4.78 -7.24
CA ASN A 534 -30.34 -3.63 -7.17
C ASN A 534 -30.72 -2.75 -5.99
N CYS A 535 -29.73 -2.19 -5.32
CA CYS A 535 -30.00 -1.33 -4.18
C CYS A 535 -30.68 -0.04 -4.64
N GLU A 536 -31.59 0.45 -3.81
CA GLU A 536 -32.28 1.71 -4.06
C GLU A 536 -31.93 2.69 -2.94
N GLU A 537 -32.56 3.86 -2.97
CA GLU A 537 -32.31 4.85 -1.93
C GLU A 537 -32.72 4.33 -0.56
N LYS A 538 -33.85 3.60 -0.50
CA LYS A 538 -34.35 3.05 0.75
C LYS A 538 -33.34 2.13 1.43
N ASP A 539 -32.45 1.48 0.68
CA ASP A 539 -31.48 0.58 1.29
C ASP A 539 -30.24 1.26 1.86
N TYR A 540 -30.17 2.59 1.85
CA TYR A 540 -29.05 3.29 2.43
C TYR A 540 -29.47 4.06 3.67
N THR A 541 -28.53 4.24 4.60
CA THR A 541 -28.81 4.88 5.87
C THR A 541 -27.74 5.94 6.16
N ILE A 542 -28.12 6.94 6.93
CA ILE A 542 -27.23 8.05 7.27
C ILE A 542 -26.28 7.61 8.38
N TRP A 543 -24.99 7.85 8.20
CA TRP A 543 -23.97 7.44 9.16
C TRP A 543 -22.91 8.53 9.30
N LEU A 544 -22.77 9.05 10.51
CA LEU A 544 -21.69 9.99 10.81
C LEU A 544 -20.42 9.22 11.15
N ALA A 545 -19.36 9.47 10.40
CA ALA A 545 -18.07 8.83 10.67
C ALA A 545 -17.42 9.44 11.90
N HIS A 546 -16.59 8.63 12.57
CA HIS A 546 -15.81 9.06 13.73
C HIS A 546 -16.69 9.55 14.88
N SER A 547 -17.88 9.00 15.05
CA SER A 547 -18.76 9.43 16.12
C SER A 547 -18.38 8.75 17.43
N THR A 548 -18.22 9.54 18.49
CA THR A 548 -17.91 9.00 19.80
C THR A 548 -18.91 9.48 20.86
N ASP A 549 -19.49 10.67 20.67
CA ASP A 549 -20.50 11.18 21.59
C ASP A 549 -21.45 12.12 20.86
N PRO A 550 -22.68 11.68 20.58
CA PRO A 550 -23.60 12.53 19.81
C PRO A 550 -23.98 13.83 20.49
N GLU A 551 -23.90 13.89 21.82
CA GLU A 551 -24.23 15.12 22.52
C GLU A 551 -23.16 16.19 22.38
N ASP A 552 -22.02 15.89 21.78
CA ASP A 552 -20.95 16.86 21.62
C ASP A 552 -21.10 17.58 20.29
N TYR A 553 -20.99 18.91 20.33
CA TYR A 553 -21.11 19.73 19.12
C TYR A 553 -20.04 19.40 18.10
N GLU A 554 -18.83 19.07 18.57
CA GLU A 554 -17.71 18.73 17.70
C GLU A 554 -17.60 17.24 17.41
N ASP A 555 -18.61 16.45 17.76
CA ASP A 555 -18.58 15.01 17.50
C ASP A 555 -18.28 14.73 16.03
N GLY A 556 -17.28 13.89 15.79
CA GLY A 556 -16.92 13.50 14.45
C GLY A 556 -15.92 14.40 13.76
N CYS A 557 -15.53 15.53 14.37
CA CYS A 557 -14.55 16.41 13.75
C CYS A 557 -13.20 15.72 13.74
N ILE A 558 -12.66 15.50 12.55
CA ILE A 558 -11.33 14.93 12.36
C ILE A 558 -10.62 15.78 11.32
N LEU A 559 -9.45 16.30 11.67
CA LEU A 559 -8.75 17.26 10.83
C LEU A 559 -9.67 18.41 10.41
N GLY A 560 -10.51 18.86 11.35
CA GLY A 560 -11.27 20.06 11.17
C GLY A 560 -12.64 19.92 10.53
N TYR A 561 -13.03 18.71 10.12
CA TYR A 561 -14.37 18.54 9.58
C TYR A 561 -14.87 17.13 9.85
N LYS A 562 -16.19 17.01 9.88
CA LYS A 562 -16.88 15.73 9.94
C LYS A 562 -17.32 15.31 8.54
N GLU A 563 -17.64 14.04 8.40
CA GLU A 563 -18.23 13.53 7.16
C GLU A 563 -19.40 12.62 7.51
N GLN A 564 -20.55 12.90 6.89
CA GLN A 564 -21.74 12.10 7.09
C GLN A 564 -22.02 11.33 5.81
N PHE A 565 -22.08 10.01 5.92
CA PHE A 565 -22.18 9.12 4.78
C PHE A 565 -23.59 8.58 4.62
N LEU A 566 -23.90 8.17 3.40
CA LEU A 566 -24.90 7.14 3.16
C LEU A 566 -24.15 5.83 2.97
N ARG A 567 -24.60 4.79 3.68
CA ARG A 567 -24.01 3.47 3.50
C ARG A 567 -25.12 2.43 3.52
N LEU A 568 -24.79 1.25 2.99
CA LEU A 568 -25.79 0.21 2.83
C LEU A 568 -26.24 -0.35 4.17
N ARG A 569 -27.55 -0.49 4.34
CA ARG A 569 -28.07 -1.08 5.56
C ARG A 569 -27.64 -2.54 5.63
N LYS A 570 -27.29 -2.98 6.84
CA LYS A 570 -26.86 -4.36 7.03
C LYS A 570 -27.97 -5.34 6.65
N SER A 571 -29.21 -5.01 7.01
CA SER A 571 -30.36 -5.83 6.68
C SER A 571 -30.73 -5.82 5.20
N SER A 572 -30.18 -4.88 4.42
CA SER A 572 -30.50 -4.80 2.99
C SER A 572 -29.62 -5.78 2.22
N MET A 573 -30.25 -6.71 1.52
CA MET A 573 -29.55 -7.72 0.73
C MET A 573 -29.74 -7.35 -0.74
N CYS A 574 -28.82 -6.52 -1.25
CA CYS A 574 -28.92 -6.01 -2.61
C CYS A 574 -27.52 -5.68 -3.11
N GLN A 575 -27.43 -5.40 -4.41
CA GLN A 575 -26.16 -5.12 -5.06
C GLN A 575 -25.96 -3.60 -5.20
N ASN A 576 -24.84 -3.12 -4.68
CA ASN A 576 -24.49 -1.70 -4.85
C ASN A 576 -24.28 -1.37 -6.32
N GLY A 577 -23.65 -2.26 -7.06
CA GLY A 577 -23.44 -2.09 -8.49
C GLY A 577 -22.04 -1.62 -8.81
N ARG A 578 -21.59 -1.94 -10.03
CA ARG A 578 -20.23 -1.59 -10.45
C ARG A 578 -20.02 -0.08 -10.47
N ASP A 579 -21.08 0.69 -10.68
CA ASP A 579 -21.00 2.14 -10.76
C ASP A 579 -21.26 2.82 -9.42
N TYR A 580 -21.33 2.06 -8.33
CA TYR A 580 -21.63 2.61 -7.02
C TYR A 580 -20.64 3.71 -6.66
N VAL A 581 -21.17 4.79 -6.08
CA VAL A 581 -20.38 5.95 -5.67
C VAL A 581 -20.62 6.18 -4.19
N VAL A 582 -19.53 6.26 -3.42
CA VAL A 582 -19.64 6.56 -1.99
C VAL A 582 -20.16 7.98 -1.84
N THR A 583 -21.27 8.12 -1.11
CA THR A 583 -21.91 9.41 -0.91
C THR A 583 -21.56 9.94 0.48
N LYS A 584 -20.98 11.13 0.54
CA LYS A 584 -20.61 11.74 1.81
C LYS A 584 -20.73 13.25 1.69
N GLN A 585 -21.04 13.89 2.82
CA GLN A 585 -21.14 15.34 2.89
C GLN A 585 -20.33 15.81 4.10
N PRO A 586 -19.51 16.84 3.94
CA PRO A 586 -18.70 17.28 5.10
C PRO A 586 -19.33 18.41 5.88
N SER A 587 -19.06 18.45 7.18
CA SER A 587 -19.45 19.54 8.05
C SER A 587 -18.17 20.22 8.51
N ILE A 588 -18.07 21.52 8.28
CA ILE A 588 -16.84 22.27 8.56
C ILE A 588 -16.88 22.71 10.03
N CYS A 589 -15.99 22.14 10.83
CA CYS A 589 -15.95 22.48 12.24
C CYS A 589 -15.16 23.76 12.46
N LEU A 590 -15.47 24.44 13.56
CA LEU A 590 -14.71 25.63 13.93
C LEU A 590 -13.32 25.21 14.37
N CYS A 591 -12.32 26.02 14.03
CA CYS A 591 -10.95 25.68 14.37
C CYS A 591 -10.73 25.79 15.87
N SER A 592 -9.99 24.84 16.43
CA SER A 592 -9.42 24.95 17.75
C SER A 592 -7.91 24.81 17.64
N LEU A 593 -7.22 24.92 18.79
CA LEU A 593 -5.76 24.79 18.77
C LEU A 593 -5.36 23.40 18.32
N GLU A 594 -6.20 22.40 18.60
CA GLU A 594 -5.90 21.03 18.22
C GLU A 594 -5.80 20.86 16.71
N ASP A 595 -6.31 21.83 15.93
CA ASP A 595 -6.21 21.75 14.48
C ASP A 595 -4.89 22.28 13.94
N PHE A 596 -3.97 22.69 14.82
CA PHE A 596 -2.69 23.22 14.41
C PHE A 596 -1.57 22.37 15.00
N LEU A 597 -0.50 22.21 14.22
CA LEU A 597 0.73 21.60 14.72
C LEU A 597 1.73 22.70 15.07
N CYS A 598 2.71 22.34 15.88
CA CYS A 598 3.72 23.32 16.26
C CYS A 598 4.71 23.49 15.12
N ASP A 599 5.00 24.72 14.77
CA ASP A 599 5.95 25.01 13.71
C ASP A 599 7.36 24.85 14.27
N PHE A 600 8.36 24.96 13.40
CA PHE A 600 9.73 24.79 13.84
C PHE A 600 10.07 25.76 14.96
N GLY A 601 10.84 25.29 15.93
CA GLY A 601 11.20 26.07 17.10
C GLY A 601 10.16 26.11 18.19
N TYR A 602 9.05 25.39 18.06
CA TYR A 602 8.01 25.36 19.06
C TYR A 602 7.67 23.91 19.40
N TYR A 603 7.03 23.73 20.56
CA TYR A 603 6.62 22.41 21.01
C TYR A 603 5.41 22.54 21.94
N ARG A 604 4.84 21.39 22.29
CA ARG A 604 3.67 21.36 23.15
C ARG A 604 4.02 20.69 24.47
N PRO A 605 3.74 21.34 25.58
CA PRO A 605 4.04 20.77 26.90
C PRO A 605 2.91 19.83 27.27
N GLU A 606 3.02 19.25 28.47
CA GLU A 606 1.92 18.40 28.92
C GLU A 606 0.63 19.21 29.02
N ASN A 607 0.74 20.52 29.26
CA ASN A 607 -0.43 21.37 29.22
C ASN A 607 -1.03 21.31 27.82
N ASP A 608 -2.35 21.24 27.74
CA ASP A 608 -3.01 21.06 26.46
C ASP A 608 -2.93 22.26 25.53
N SER A 609 -3.02 21.96 24.23
CA SER A 609 -3.20 22.86 23.10
C SER A 609 -2.09 23.83 22.69
N LYS A 610 -1.63 24.68 23.60
CA LYS A 610 -0.72 25.76 23.21
C LYS A 610 0.66 25.26 22.78
N CYS A 611 1.17 25.87 21.70
CA CYS A 611 2.51 25.60 21.20
C CYS A 611 3.42 26.65 21.84
N VAL A 612 4.46 26.22 22.55
CA VAL A 612 5.35 27.16 23.21
C VAL A 612 6.74 27.09 22.60
N GLU A 613 7.49 28.19 22.75
CA GLU A 613 8.85 28.26 22.24
C GLU A 613 9.74 27.25 22.94
N GLN A 614 10.57 26.58 22.16
CA GLN A 614 11.53 25.64 22.74
C GLN A 614 12.60 26.44 23.49
N PRO A 615 13.05 25.94 24.64
CA PRO A 615 14.12 26.65 25.36
C PRO A 615 15.45 26.61 24.61
N GLU A 616 15.94 25.42 24.26
CA GLU A 616 17.14 25.28 23.46
C GLU A 616 16.88 24.25 22.36
N LEU A 617 17.45 24.51 21.19
CA LEU A 617 17.34 23.60 20.05
C LEU A 617 18.53 22.64 20.06
N LYS A 618 18.25 21.34 20.14
CA LYS A 618 19.28 20.32 20.14
C LYS A 618 19.13 19.39 18.93
N GLY A 619 20.13 18.53 18.77
CA GLY A 619 20.13 17.53 17.71
C GLY A 619 19.84 18.08 16.34
N HIS A 620 18.94 17.40 15.61
CA HIS A 620 18.60 17.83 14.27
C HIS A 620 17.88 19.17 14.26
N ASP A 621 17.14 19.49 15.33
CA ASP A 621 16.48 20.79 15.41
C ASP A 621 17.49 21.93 15.30
N LEU A 622 18.66 21.76 15.92
CA LEU A 622 19.68 22.81 15.81
C LEU A 622 20.33 22.80 14.43
N GLU A 623 20.44 21.62 13.81
CA GLU A 623 20.96 21.53 12.45
C GLU A 623 20.00 22.18 11.44
N PHE A 624 18.69 22.03 11.65
CA PHE A 624 17.73 22.71 10.80
C PHE A 624 17.83 24.23 10.97
N CYS A 625 17.96 24.70 12.21
CA CYS A 625 17.98 26.14 12.45
C CYS A 625 19.18 26.80 11.76
N LEU A 626 20.37 26.25 11.98
CA LEU A 626 21.57 26.80 11.38
C LEU A 626 21.58 26.70 9.86
N TYR A 627 21.25 25.53 9.31
CA TYR A 627 21.31 25.34 7.86
C TYR A 627 19.99 25.44 7.11
N GLY A 628 18.86 25.50 7.81
CA GLY A 628 17.58 25.54 7.11
C GLY A 628 17.31 26.84 6.40
N ARG A 629 16.30 26.81 5.54
CA ARG A 629 15.93 27.98 4.77
C ARG A 629 15.27 29.01 5.67
N GLU A 630 15.66 30.28 5.49
CA GLU A 630 15.27 31.33 6.42
C GLU A 630 13.75 31.48 6.50
N GLU A 631 13.05 31.25 5.38
CA GLU A 631 11.60 31.36 5.39
C GLU A 631 10.98 30.43 6.43
N HIS A 632 11.46 29.19 6.50
CA HIS A 632 10.94 28.24 7.47
C HIS A 632 11.39 28.56 8.89
N LEU A 633 12.42 29.40 9.05
CA LEU A 633 12.95 29.76 10.36
C LEU A 633 12.22 30.93 11.00
N THR A 634 11.22 31.50 10.32
CA THR A 634 10.41 32.57 10.88
C THR A 634 8.97 32.12 10.95
N THR A 635 8.37 32.18 12.14
CA THR A 635 7.03 31.66 12.34
C THR A 635 6.45 32.22 13.64
N ASN A 636 5.19 31.89 13.88
CA ASN A 636 4.51 32.24 15.12
C ASN A 636 4.30 31.05 16.03
N GLY A 637 4.70 29.85 15.59
CA GLY A 637 4.60 28.66 16.40
C GLY A 637 3.53 27.68 15.97
N TYR A 638 2.63 28.09 15.08
CA TYR A 638 1.53 27.25 14.65
C TYR A 638 1.49 27.13 13.14
N ARG A 639 1.09 25.97 12.67
CA ARG A 639 0.73 25.73 11.27
C ARG A 639 -0.51 24.85 11.25
N LYS A 640 -1.43 25.14 10.34
CA LYS A 640 -2.59 24.29 10.17
C LYS A 640 -2.15 22.88 9.80
N ILE A 641 -2.79 21.89 10.41
CA ILE A 641 -2.44 20.49 10.12
C ILE A 641 -2.70 20.21 8.65
N PRO A 642 -1.82 19.50 7.95
CA PRO A 642 -2.06 19.26 6.53
C PRO A 642 -3.33 18.43 6.33
N GLY A 643 -4.16 18.87 5.40
CA GLY A 643 -5.45 18.24 5.18
C GLY A 643 -6.55 18.71 6.12
N ASP A 644 -6.25 19.65 7.01
CA ASP A 644 -7.24 20.16 7.96
C ASP A 644 -8.04 21.28 7.30
N LYS A 645 -9.37 21.13 7.31
CA LYS A 645 -10.24 22.05 6.59
C LYS A 645 -11.15 22.85 7.53
N CYS A 646 -10.71 23.06 8.76
CA CYS A 646 -11.50 23.84 9.70
C CYS A 646 -11.56 25.30 9.25
N GLN A 647 -12.65 25.98 9.61
CA GLN A 647 -12.83 27.38 9.28
C GLN A 647 -13.40 28.12 10.49
N GLY A 648 -13.01 29.39 10.61
CA GLY A 648 -13.45 30.18 11.74
C GLY A 648 -12.69 29.80 13.00
N GLY A 649 -13.29 30.15 14.13
CA GLY A 649 -12.74 29.86 15.44
C GLY A 649 -11.41 30.55 15.69
N VAL A 650 -10.54 29.86 16.44
CA VAL A 650 -9.23 30.41 16.82
C VAL A 650 -8.30 30.48 15.62
N ASN A 651 -7.51 31.56 15.59
CA ASN A 651 -6.44 31.79 14.64
C ASN A 651 -5.29 32.31 15.52
N PRO A 652 -4.06 31.85 15.29
CA PRO A 652 -2.96 32.29 16.17
C PRO A 652 -2.73 33.80 16.12
N VAL A 653 -2.75 34.41 17.31
CA VAL A 653 -2.55 35.85 17.45
C VAL A 653 -1.12 36.27 17.13
N ARG A 654 -0.13 35.46 17.54
CA ARG A 654 1.26 35.83 17.40
C ARG A 654 1.69 36.05 15.95
N GLU A 655 2.54 37.06 15.75
CA GLU A 655 3.09 37.42 14.45
C GLU A 655 4.36 36.59 14.20
N VAL A 656 5.17 37.00 13.24
CA VAL A 656 6.23 36.17 12.67
C VAL A 656 7.54 36.51 13.37
N LYS A 657 7.98 35.63 14.26
CA LYS A 657 9.21 35.79 15.01
C LYS A 657 10.32 34.99 14.33
N ASP A 658 11.54 35.55 14.31
CA ASP A 658 12.65 34.91 13.63
C ASP A 658 13.40 34.04 14.63
N LEU A 659 13.48 32.74 14.33
CA LEU A 659 14.10 31.75 15.21
C LEU A 659 15.57 31.50 14.92
N LYS A 660 16.14 32.12 13.88
CA LYS A 660 17.52 31.82 13.53
C LYS A 660 18.49 32.67 14.34
N LYS A 661 18.11 33.92 14.61
CA LYS A 661 18.85 34.72 15.58
C LYS A 661 18.99 34.00 16.91
N LYS A 662 18.00 33.20 17.30
CA LYS A 662 18.07 32.49 18.57
C LYS A 662 19.16 31.43 18.59
N CYS A 663 19.22 30.59 17.56
CA CYS A 663 20.25 29.55 17.51
C CYS A 663 21.64 30.14 17.29
N THR A 664 21.76 31.11 16.37
CA THR A 664 23.07 31.72 16.13
C THR A 664 23.54 32.58 17.30
N SER A 665 22.64 33.04 18.17
CA SER A 665 23.04 33.91 19.27
C SER A 665 24.02 33.25 20.22
N ASN A 666 24.03 31.92 20.28
CA ASN A 666 24.97 31.21 21.14
C ASN A 666 26.38 31.19 20.58
N PHE A 667 26.54 31.40 19.27
CA PHE A 667 27.83 31.35 18.60
C PHE A 667 28.44 32.74 18.51
N LEU A 668 29.75 32.83 18.70
CA LEU A 668 30.44 34.10 18.47
C LEU A 668 30.57 34.29 16.97
N SER A 669 30.12 35.45 16.47
CA SER A 669 30.10 35.67 15.03
C SER A 669 31.26 36.55 14.59
N PRO A 670 31.72 36.38 13.35
CA PRO A 670 32.82 37.18 12.82
C PRO A 670 32.30 38.54 12.37
N GLU A 671 33.21 39.37 11.88
CA GLU A 671 32.86 40.71 11.41
C GLU A 671 32.07 40.63 10.10
#